data_7Y00
#
_entry.id   7Y00
#
loop_
_entity.id
_entity.type
_entity.pdbx_description
1 polymer 'Histone H3.1'
2 polymer 'Histone H4'
3 polymer 'Histone H2A type 1-B/E'
4 polymer 'Histone H2B type 1-J'
5 polymer 'DNA (169-MER)'
6 polymer 'DNA (169-MER)'
#
loop_
_entity_poly.entity_id
_entity_poly.type
_entity_poly.pdbx_seq_one_letter_code
_entity_poly.pdbx_strand_id
1 'polypeptide(L)'
;GSHMARTKQTARKSTGGKAPRKQLATKAARKSAPATGGVKKPHRYRPGTVALREIRRYQKSTELLIRKLPFQRLVREIAQ
DFKTDLRFQSSAVMALQEACEAYLVGLFEDTNLCAIHAKRVTIMPKDIQLARRIRGERA
;
A,E
2 'polypeptide(L)'
;GSHMSGRGKGGKGLGKGGAKRHRKVLRDNIQGITKPAIRRLARRGGVKRISGLIYEETRGVLKVFLENVIRDAVTYTEHA
KRKTVTAMDVVYALKRQGRTLYGFGG
;
B,F
3 'polypeptide(L)'
;GSHMSGRGKQGGKARAKAKTRSSRAGLQFPVGRVHRLLRKGNYSERVGAGAPVYLAAVLEYLTAEILELAGNAARDNKKT
RIIPRHLQLAIRNDEELNKLLGRVTIAQGGVLPNIQAVLLPKKTESHHKAKGK
;
C,G
4 'polypeptide(L)'
;GSHMPEPAKSAPAPKKGSKKAVTKAQKKDGKKRKRSRKESYSIYVYKVLKQVHPDTGISSKAMGIMNSFVNDIFERIAGE
ASRLAHYNKRSTITSREIQTAVRLLLPGELAKHAVSEGTKAVTKYTSAK
;
D,H
5 'polydeoxyribonucleotide'
;(DC)(DT)(DG)(DA)(DG)(DA)(DA)(DT)(DC)(DC)(DG)(DG)(DT)(DG)(DC)(DC)(DG)(DA)(DG)(DG)
(DC)(DC)(DG)(DC)(DT)(DC)(DA)(DA)(DT)(DT)(DG)(DG)(DT)(DC)(DG)(DT)(DA)(DG)(DA)(DC)
(DA)(DG)(DC)(DT)(DC)(DT)(DA)(DG)(DC)(DA)(DC)(DC)(DG)(DC)(DT)(DT)(DA)(DA)(DA)(DC)
(DG)(DC)(DA)(DC)(DG)(DT)(DA)(DC)(DG)(DC)(DG)(DC)(DT)(DG)(DT)(DC)(DC)(DC)(DC)(DC)
(DG)(DC)(DG)(DT)(DT)(DT)(DT)(DA)(DA)(DC)(DC)(DG)(DC)(DC)(DA)(DA)(DG)(DG)(DG)(DG)
(DA)(DT)(DT)(DA)(DC)(DT)(DC)(DC)(DC)(DT)(DA)(DG)(DT)(DC)(DT)(DC)(DC)(DA)(DG)(DG)
(DC)(DA)(DC)(DG)(DT)(DG)(DT)(DC)(DA)(DG)(DA)(DT)(DA)(DT)(DA)(DG)(DG)(DG)(DC)(DA)
(DT)(DG)(DT)(DC)(DC)(DG)(DG)(DG)(DC)(DA)(DT)(DG)(DT)(DC)(DC)(DC)(DG)(DA)(DA)(DA)
(DT)(DT)(DC)(DA)(DT)(DA)(DG)(DA)(DT)
;
I
6 'polydeoxyribonucleotide'
;(DA)(DT)(DC)(DT)(DA)(DT)(DG)(DA)(DA)(DT)(DT)(DT)(DC)(DG)(DG)(DG)(DA)(DC)(DA)(DT)
(DG)(DC)(DC)(DC)(DG)(DG)(DA)(DC)(DA)(DT)(DG)(DC)(DC)(DC)(DT)(DA)(DT)(DA)(DT)(DC)
(DT)(DG)(DA)(DC)(DA)(DC)(DG)(DT)(DG)(DC)(DC)(DT)(DG)(DG)(DA)(DG)(DA)(DC)(DT)(DA)
(DG)(DG)(DG)(DA)(DG)(DT)(DA)(DA)(DT)(DC)(DC)(DC)(DC)(DT)(DT)(DG)(DG)(DC)(DG)(DG)
(DT)(DT)(DA)(DA)(DA)(DA)(DC)(DG)(DC)(DG)(DG)(DG)(DG)(DG)(DA)(DC)(DA)(DG)(DC)(DG)
(DC)(DG)(DT)(DA)(DC)(DG)(DT)(DG)(DC)(DG)(DT)(DT)(DT)(DA)(DA)(DG)(DC)(DG)(DG)(DT)
(DG)(DC)(DT)(DA)(DG)(DA)(DG)(DC)(DT)(DG)(DT)(DC)(DT)(DA)(DC)(DG)(DA)(DC)(DC)(DA)
(DA)(DT)(DT)(DG)(DA)(DG)(DC)(DG)(DG)(DC)(DC)(DT)(DC)(DG)(DG)(DC)(DA)(DC)(DC)(DG)
(DG)(DA)(DT)(DT)(DC)(DT)(DC)(DA)(DG)
;
J
#
# COMPACT_ATOMS: atom_id res chain seq x y z
N PRO A 42 -11.10 5.95 53.76
CA PRO A 42 -12.35 6.00 52.99
C PRO A 42 -12.46 4.90 51.95
N HIS A 43 -13.19 5.17 50.87
CA HIS A 43 -13.38 4.18 49.81
C HIS A 43 -12.26 4.28 48.78
N ARG A 44 -11.85 3.15 48.24
CA ARG A 44 -10.80 3.10 47.23
C ARG A 44 -11.11 1.98 46.25
N TYR A 45 -11.07 2.30 44.97
CA TYR A 45 -11.34 1.33 43.93
C TYR A 45 -10.14 0.39 43.74
N ARG A 46 -10.45 -0.84 43.36
CA ARG A 46 -9.41 -1.84 43.13
C ARG A 46 -8.61 -1.47 41.89
N PRO A 47 -7.30 -1.75 41.84
CA PRO A 47 -6.55 -1.52 40.60
C PRO A 47 -7.12 -2.27 39.42
N GLY A 48 -7.50 -1.54 38.37
CA GLY A 48 -8.01 -2.16 37.16
C GLY A 48 -9.44 -1.78 36.79
N THR A 49 -10.31 -1.61 37.79
CA THR A 49 -11.70 -1.26 37.53
C THR A 49 -11.84 0.10 36.88
N VAL A 50 -11.13 1.13 37.37
CA VAL A 50 -11.28 2.46 36.82
C VAL A 50 -10.59 2.56 35.46
N ALA A 51 -9.48 1.86 35.28
CA ALA A 51 -8.85 1.81 33.97
C ALA A 51 -9.82 1.26 32.93
N LEU A 52 -10.45 0.13 33.22
CA LEU A 52 -11.43 -0.45 32.31
C LEU A 52 -12.61 0.49 32.09
N ARG A 53 -13.11 1.12 33.16
CA ARG A 53 -14.19 2.10 33.02
C ARG A 53 -13.80 3.21 32.06
N GLU A 54 -12.56 3.71 32.16
CA GLU A 54 -12.11 4.77 31.26
C GLU A 54 -11.98 4.26 29.83
N ILE A 55 -11.53 3.02 29.67
CA ILE A 55 -11.44 2.44 28.33
C ILE A 55 -12.81 2.39 27.69
N ARG A 56 -13.79 1.85 28.42
CA ARG A 56 -15.16 1.79 27.90
C ARG A 56 -15.69 3.19 27.60
N ARG A 57 -15.47 4.13 28.52
CA ARG A 57 -15.93 5.50 28.35
C ARG A 57 -15.40 6.11 27.05
N TYR A 58 -14.09 6.02 26.83
CA TYR A 58 -13.51 6.71 25.69
C TYR A 58 -13.67 5.91 24.40
N GLN A 59 -13.93 4.60 24.47
CA GLN A 59 -14.23 3.87 23.25
C GLN A 59 -15.69 4.01 22.84
N LYS A 60 -16.57 4.38 23.78
CA LYS A 60 -17.98 4.59 23.47
C LYS A 60 -18.23 5.92 22.77
N SER A 61 -17.43 6.94 23.06
CA SER A 61 -17.65 8.29 22.59
C SER A 61 -16.69 8.64 21.46
N THR A 62 -16.78 9.86 20.95
CA THR A 62 -16.03 10.23 19.76
C THR A 62 -15.22 11.53 19.88
N GLU A 63 -15.23 12.20 21.03
CA GLU A 63 -14.51 13.47 21.13
C GLU A 63 -13.01 13.23 21.06
N LEU A 64 -12.30 14.23 20.52
CA LEU A 64 -10.86 14.17 20.39
C LEU A 64 -10.19 14.18 21.77
N LEU A 65 -9.08 13.46 21.89
CA LEU A 65 -8.40 13.29 23.16
C LEU A 65 -7.13 14.11 23.30
N ILE A 66 -6.58 14.62 22.20
CA ILE A 66 -5.40 15.46 22.23
C ILE A 66 -5.85 16.92 22.26
N ARG A 67 -5.19 17.72 23.09
CA ARG A 67 -5.54 19.13 23.21
C ARG A 67 -5.23 19.87 21.92
N LYS A 68 -6.15 20.74 21.51
CA LYS A 68 -6.02 21.45 20.24
C LYS A 68 -4.77 22.34 20.21
N LEU A 69 -4.63 23.24 21.20
CA LEU A 69 -3.58 24.24 21.13
C LEU A 69 -2.17 23.66 21.20
N PRO A 70 -1.85 22.71 22.10
CA PRO A 70 -0.50 22.14 22.06
C PRO A 70 -0.23 21.36 20.78
N PHE A 71 -1.22 20.66 20.23
CA PHE A 71 -1.01 19.97 18.97
C PHE A 71 -0.68 20.95 17.86
N GLN A 72 -1.45 22.04 17.77
CA GLN A 72 -1.19 23.07 16.78
C GLN A 72 0.21 23.65 16.96
N ARG A 73 0.58 23.95 18.21
CA ARG A 73 1.92 24.49 18.49
C ARG A 73 3.02 23.54 18.03
N LEU A 74 2.88 22.25 18.34
CA LEU A 74 3.86 21.27 17.89
C LEU A 74 3.96 21.23 16.38
N VAL A 75 2.81 21.19 15.70
CA VAL A 75 2.79 21.15 14.24
C VAL A 75 3.48 22.36 13.66
N ARG A 76 3.20 23.54 14.22
CA ARG A 76 3.82 24.77 13.73
C ARG A 76 5.31 24.77 13.98
N GLU A 77 5.74 24.29 15.16
CA GLU A 77 7.16 24.21 15.50
C GLU A 77 7.90 23.34 14.50
N ILE A 78 7.38 22.14 14.22
CA ILE A 78 8.03 21.27 13.25
C ILE A 78 8.05 21.95 11.89
N ALA A 79 6.96 22.61 11.52
CA ALA A 79 6.87 23.28 10.23
C ALA A 79 7.93 24.37 10.00
N GLN A 80 8.35 25.08 11.04
CA GLN A 80 9.31 26.18 10.81
C GLN A 80 10.57 25.61 10.14
N ASP A 81 10.96 24.39 10.48
CA ASP A 81 12.17 23.78 9.95
C ASP A 81 11.95 23.16 8.57
N PHE A 82 10.72 23.21 8.07
CA PHE A 82 10.48 22.76 6.70
C PHE A 82 10.25 23.94 5.76
N LYS A 83 9.42 24.89 6.16
CA LYS A 83 9.20 26.10 5.37
C LYS A 83 8.81 27.23 6.32
N THR A 84 9.32 28.43 6.05
CA THR A 84 9.12 29.57 6.92
C THR A 84 7.67 30.06 6.88
N ASP A 85 7.30 30.78 7.94
CA ASP A 85 6.05 31.56 8.11
C ASP A 85 4.85 30.91 7.41
N LEU A 86 4.65 29.63 7.70
CA LEU A 86 3.51 28.90 7.18
C LEU A 86 2.23 29.33 7.89
N ARG A 87 1.14 29.36 7.14
CA ARG A 87 -0.20 29.52 7.69
C ARG A 87 -0.97 28.22 7.49
N PHE A 88 -1.81 27.88 8.47
CA PHE A 88 -2.51 26.61 8.50
C PHE A 88 -4.01 26.86 8.65
N GLN A 89 -4.81 26.19 7.81
CA GLN A 89 -6.25 26.24 7.94
C GLN A 89 -6.72 25.48 9.17
N SER A 90 -7.85 25.92 9.73
CA SER A 90 -8.46 25.21 10.85
C SER A 90 -8.72 23.75 10.49
N SER A 91 -9.35 23.50 9.35
CA SER A 91 -9.63 22.13 9.00
C SER A 91 -8.35 21.35 8.73
N ALA A 92 -7.25 22.04 8.44
CA ALA A 92 -5.97 21.36 8.26
C ALA A 92 -5.43 20.84 9.59
N VAL A 93 -5.51 21.67 10.64
CA VAL A 93 -5.04 21.22 11.94
C VAL A 93 -5.95 20.12 12.47
N MET A 94 -7.27 20.26 12.26
CA MET A 94 -8.17 19.20 12.68
C MET A 94 -7.88 17.91 11.92
N ALA A 95 -7.50 18.01 10.64
CA ALA A 95 -7.14 16.83 9.87
C ALA A 95 -5.92 16.15 10.45
N LEU A 96 -4.86 16.93 10.73
CA LEU A 96 -3.67 16.35 11.34
C LEU A 96 -4.00 15.71 12.69
N GLN A 97 -4.91 16.31 13.45
CA GLN A 97 -5.19 15.76 14.77
C GLN A 97 -5.99 14.46 14.66
N GLU A 98 -7.00 14.43 13.78
CA GLU A 98 -7.74 13.19 13.55
C GLU A 98 -6.81 12.07 13.10
N ALA A 99 -5.92 12.37 12.14
CA ALA A 99 -4.99 11.36 11.64
C ALA A 99 -4.05 10.88 12.75
N CYS A 100 -3.52 11.82 13.53
CA CYS A 100 -2.59 11.45 14.59
C CYS A 100 -3.27 10.59 15.64
N GLU A 101 -4.48 10.97 16.06
CA GLU A 101 -5.14 10.21 17.10
C GLU A 101 -5.52 8.82 16.60
N ALA A 102 -6.00 8.71 15.36
CA ALA A 102 -6.28 7.40 14.80
C ALA A 102 -5.02 6.53 14.73
N TYR A 103 -3.90 7.13 14.30
CA TYR A 103 -2.65 6.37 14.20
C TYR A 103 -2.19 5.88 15.57
N LEU A 104 -2.20 6.76 16.57
CA LEU A 104 -1.76 6.35 17.90
C LEU A 104 -2.70 5.32 18.52
N VAL A 105 -4.01 5.50 18.37
CA VAL A 105 -4.94 4.51 18.90
C VAL A 105 -4.69 3.15 18.26
N GLY A 106 -4.54 3.10 16.94
CA GLY A 106 -4.25 1.83 16.29
C GLY A 106 -2.93 1.23 16.74
N LEU A 107 -1.89 2.06 16.86
CA LEU A 107 -0.60 1.57 17.33
C LEU A 107 -0.70 1.03 18.75
N PHE A 108 -1.51 1.67 19.59
CA PHE A 108 -1.68 1.20 20.96
C PHE A 108 -2.48 -0.10 21.00
N GLU A 109 -3.43 -0.26 20.08
CA GLU A 109 -4.13 -1.53 19.94
C GLU A 109 -3.14 -2.65 19.63
N ASP A 110 -2.28 -2.41 18.64
CA ASP A 110 -1.33 -3.45 18.25
C ASP A 110 -0.33 -3.72 19.37
N THR A 111 0.16 -2.66 20.02
CA THR A 111 1.05 -2.80 21.17
C THR A 111 0.40 -3.63 22.28
N ASN A 112 -0.86 -3.36 22.58
CA ASN A 112 -1.56 -4.15 23.60
C ASN A 112 -1.65 -5.61 23.19
N LEU A 113 -1.95 -5.86 21.91
CA LEU A 113 -2.00 -7.26 21.46
C LEU A 113 -0.64 -7.94 21.59
N CYS A 114 0.44 -7.24 21.28
CA CYS A 114 1.76 -7.86 21.43
C CYS A 114 2.12 -8.09 22.89
N ALA A 115 1.80 -7.13 23.77
CA ALA A 115 2.05 -7.31 25.20
C ALA A 115 1.27 -8.49 25.76
N ILE A 116 -0.03 -8.57 25.47
CA ILE A 116 -0.84 -9.68 25.96
C ILE A 116 -0.32 -11.00 25.40
N HIS A 117 0.14 -11.01 24.15
CA HIS A 117 0.73 -12.21 23.57
C HIS A 117 1.87 -12.73 24.44
N ALA A 118 2.65 -11.85 25.03
CA ALA A 118 3.76 -12.24 25.90
C ALA A 118 3.33 -12.48 27.34
N LYS A 119 2.03 -12.74 27.57
CA LYS A 119 1.49 -13.00 28.90
C LYS A 119 1.74 -11.82 29.85
N ARG A 120 1.79 -10.62 29.29
CA ARG A 120 1.92 -9.40 30.07
C ARG A 120 0.67 -8.54 29.88
N VAL A 121 0.56 -7.53 30.76
CA VAL A 121 -0.48 -6.52 30.66
C VAL A 121 0.10 -5.12 30.45
N THR A 122 1.22 -4.83 31.10
CA THR A 122 1.86 -3.52 30.97
C THR A 122 2.61 -3.41 29.66
N ILE A 123 2.38 -2.32 28.94
CA ILE A 123 3.07 -2.05 27.68
C ILE A 123 4.43 -1.46 27.99
N MET A 124 5.43 -1.84 27.21
CA MET A 124 6.83 -1.45 27.34
C MET A 124 7.30 -0.75 26.08
N PRO A 125 8.38 0.04 26.16
CA PRO A 125 8.95 0.61 24.94
C PRO A 125 9.28 -0.44 23.89
N LYS A 126 9.79 -1.60 24.33
CA LYS A 126 10.11 -2.66 23.40
C LYS A 126 8.86 -3.16 22.69
N ASP A 127 7.70 -3.04 23.35
CA ASP A 127 6.43 -3.39 22.70
C ASP A 127 6.13 -2.44 21.55
N ILE A 128 6.28 -1.14 21.78
CA ILE A 128 6.08 -0.15 20.72
C ILE A 128 7.04 -0.44 19.57
N GLN A 129 8.30 -0.72 19.88
CA GLN A 129 9.30 -0.93 18.84
C GLN A 129 8.99 -2.18 18.04
N LEU A 130 8.52 -3.24 18.72
CA LEU A 130 8.14 -4.46 18.01
C LEU A 130 6.94 -4.21 17.10
N ALA A 131 5.92 -3.51 17.61
CA ALA A 131 4.74 -3.23 16.80
C ALA A 131 5.10 -2.45 15.55
N ARG A 132 5.95 -1.43 15.71
CA ARG A 132 6.31 -0.61 14.56
C ARG A 132 7.21 -1.35 13.58
N ARG A 133 8.11 -2.20 14.11
CA ARG A 133 8.94 -3.01 13.22
C ARG A 133 8.11 -4.00 12.42
N ILE A 134 7.14 -4.65 13.05
CA ILE A 134 6.34 -5.65 12.35
C ILE A 134 5.38 -4.97 11.37
N ARG A 135 4.89 -3.78 11.72
CA ARG A 135 4.07 -3.02 10.78
C ARG A 135 4.87 -2.60 9.55
N GLY A 136 6.19 -2.56 9.66
CA GLY A 136 7.07 -2.25 8.55
C GLY A 136 7.49 -0.81 8.39
N GLU A 137 7.21 0.06 9.37
CA GLU A 137 7.72 1.43 9.32
C GLU A 137 9.05 1.61 10.06
N ARG A 138 9.42 0.65 10.91
CA ARG A 138 10.66 0.76 11.67
C ARG A 138 11.74 -0.15 11.07
N VAL B 25 9.67 32.12 16.63
CA VAL B 25 9.94 30.71 16.43
C VAL B 25 9.55 29.91 17.67
N LEU B 26 8.56 29.03 17.51
CA LEU B 26 8.14 28.19 18.63
C LEU B 26 9.23 27.20 19.01
N ARG B 27 9.43 27.04 20.31
CA ARG B 27 10.51 26.22 20.83
C ARG B 27 9.99 25.37 21.99
N ASP B 28 10.38 24.08 21.97
CA ASP B 28 9.99 23.11 22.99
C ASP B 28 8.47 23.00 23.12
N ASN B 29 7.79 22.85 22.00
CA ASN B 29 6.36 22.57 21.98
C ASN B 29 6.06 21.08 22.12
N ILE B 30 7.09 20.23 22.02
CA ILE B 30 6.91 18.79 22.19
C ILE B 30 6.41 18.48 23.60
N GLN B 31 6.67 19.34 24.57
CA GLN B 31 6.21 19.10 25.94
C GLN B 31 4.71 19.34 26.10
N GLY B 32 4.05 19.93 25.09
CA GLY B 32 2.62 20.10 25.13
C GLY B 32 1.81 18.82 24.96
N ILE B 33 2.42 17.77 24.41
CA ILE B 33 1.74 16.47 24.35
C ILE B 33 1.90 15.79 25.71
N THR B 34 0.90 15.99 26.56
CA THR B 34 1.03 15.66 27.97
C THR B 34 0.93 14.14 28.20
N LYS B 35 1.42 13.72 29.37
CA LYS B 35 1.30 12.34 29.81
C LYS B 35 -0.14 11.84 29.85
N PRO B 36 -1.11 12.57 30.42
CA PRO B 36 -2.49 12.05 30.44
C PRO B 36 -3.10 11.95 29.05
N ALA B 37 -2.67 12.76 28.09
CA ALA B 37 -3.22 12.65 26.74
C ALA B 37 -2.78 11.32 26.12
N ILE B 38 -1.50 10.98 26.29
CA ILE B 38 -0.99 9.72 25.77
C ILE B 38 -1.68 8.55 26.48
N ARG B 39 -1.90 8.70 27.79
CA ARG B 39 -2.65 7.69 28.53
C ARG B 39 -4.06 7.52 27.96
N ARG B 40 -4.75 8.62 27.65
CA ARG B 40 -6.09 8.53 27.09
C ARG B 40 -6.06 7.83 25.74
N LEU B 41 -5.10 8.19 24.89
CA LEU B 41 -4.93 7.51 23.61
C LEU B 41 -4.73 6.01 23.81
N ALA B 42 -3.95 5.63 24.83
CA ALA B 42 -3.72 4.21 25.08
C ALA B 42 -5.00 3.53 25.57
N ARG B 43 -5.77 4.22 26.41
CA ARG B 43 -7.06 3.71 26.84
C ARG B 43 -7.98 3.45 25.65
N ARG B 44 -8.06 4.39 24.71
CA ARG B 44 -8.86 4.17 23.51
C ARG B 44 -8.32 3.00 22.70
N GLY B 45 -7.01 2.76 22.75
CA GLY B 45 -6.42 1.61 22.10
C GLY B 45 -6.53 0.31 22.87
N GLY B 46 -7.14 0.33 24.05
CA GLY B 46 -7.34 -0.87 24.84
C GLY B 46 -6.23 -1.17 25.82
N VAL B 47 -5.35 -0.22 26.10
CA VAL B 47 -4.24 -0.44 27.01
C VAL B 47 -4.71 -0.21 28.44
N LYS B 48 -4.41 -1.16 29.33
CA LYS B 48 -4.86 -1.09 30.71
C LYS B 48 -3.84 -0.47 31.64
N ARG B 49 -2.55 -0.68 31.39
CA ARG B 49 -1.49 -0.18 32.25
C ARG B 49 -0.35 0.32 31.37
N ILE B 50 0.24 1.45 31.75
CA ILE B 50 1.24 2.14 30.93
C ILE B 50 2.46 2.44 31.77
N SER B 51 3.61 1.95 31.31
CA SER B 51 4.87 2.22 31.96
C SER B 51 5.22 3.70 31.84
N GLY B 52 5.93 4.22 32.84
CA GLY B 52 6.39 5.58 32.83
C GLY B 52 7.34 5.86 31.68
N LEU B 53 8.03 4.82 31.22
CA LEU B 53 9.01 4.97 30.14
C LEU B 53 8.37 5.03 28.76
N ILE B 54 7.08 4.75 28.64
CA ILE B 54 6.35 4.73 27.37
C ILE B 54 6.37 6.09 26.66
N TYR B 55 6.21 7.16 27.44
CA TYR B 55 5.94 8.50 26.92
C TYR B 55 7.00 9.02 25.95
N GLU B 56 8.29 8.96 26.29
CA GLU B 56 9.26 9.47 25.31
C GLU B 56 9.20 8.69 23.98
N GLU B 57 9.03 7.36 24.01
CA GLU B 57 8.97 6.65 22.74
C GLU B 57 7.75 7.10 21.96
N THR B 58 6.61 7.23 22.65
CA THR B 58 5.39 7.63 21.95
C THR B 58 5.60 9.01 21.33
N ARG B 59 6.27 9.91 22.07
CA ARG B 59 6.49 11.27 21.57
C ARG B 59 7.33 11.21 20.32
N GLY B 60 8.38 10.38 20.34
CA GLY B 60 9.25 10.26 19.19
C GLY B 60 8.47 9.77 17.98
N VAL B 61 7.65 8.73 18.19
CA VAL B 61 6.86 8.16 17.10
C VAL B 61 5.97 9.23 16.51
N LEU B 62 5.32 10.01 17.40
CA LEU B 62 4.39 11.04 16.96
C LEU B 62 5.16 12.04 16.10
N LYS B 63 6.35 12.40 16.58
CA LYS B 63 7.17 13.40 15.90
C LYS B 63 7.49 12.91 14.51
N VAL B 64 7.84 11.62 14.40
CA VAL B 64 8.22 11.02 13.11
C VAL B 64 7.05 11.16 12.15
N PHE B 65 5.86 10.80 12.65
CA PHE B 65 4.67 10.87 11.82
C PHE B 65 4.56 12.28 11.29
N LEU B 66 4.68 13.27 12.18
CA LEU B 66 4.47 14.65 11.76
C LEU B 66 5.47 15.06 10.70
N GLU B 67 6.74 14.68 10.86
CA GLU B 67 7.78 15.17 9.91
C GLU B 67 7.49 14.63 8.51
N ASN B 68 6.98 13.41 8.40
CA ASN B 68 6.65 12.83 7.11
C ASN B 68 5.38 13.47 6.53
N VAL B 69 4.31 13.51 7.33
CA VAL B 69 3.04 14.04 6.80
C VAL B 69 3.20 15.49 6.39
N ILE B 70 3.83 16.29 7.26
CA ILE B 70 3.91 17.73 7.01
C ILE B 70 4.79 17.97 5.80
N ARG B 71 5.87 17.20 5.67
CA ARG B 71 6.75 17.31 4.52
C ARG B 71 5.96 17.15 3.23
N ASP B 72 5.11 16.12 3.17
CA ASP B 72 4.32 15.96 1.95
C ASP B 72 3.34 17.11 1.79
N ALA B 73 2.68 17.51 2.88
CA ALA B 73 1.68 18.57 2.77
C ALA B 73 2.31 19.85 2.25
N VAL B 74 3.46 20.24 2.82
CA VAL B 74 4.12 21.48 2.44
C VAL B 74 4.64 21.36 1.02
N THR B 75 5.10 20.17 0.63
CA THR B 75 5.55 19.98 -0.76
C THR B 75 4.42 20.28 -1.73
N TYR B 76 3.23 19.74 -1.45
CA TYR B 76 2.07 20.03 -2.29
C TYR B 76 1.76 21.52 -2.28
N THR B 77 1.80 22.13 -1.09
CA THR B 77 1.51 23.55 -0.98
C THR B 77 2.45 24.37 -1.84
N GLU B 78 3.74 24.02 -1.82
CA GLU B 78 4.71 24.81 -2.57
C GLU B 78 4.52 24.59 -4.07
N HIS B 79 4.20 23.36 -4.47
CA HIS B 79 3.96 23.12 -5.89
C HIS B 79 2.78 23.94 -6.38
N ALA B 80 1.75 24.09 -5.54
CA ALA B 80 0.55 24.83 -5.91
C ALA B 80 0.74 26.34 -5.84
N LYS B 81 1.97 26.81 -5.61
CA LYS B 81 2.28 28.24 -5.45
C LYS B 81 1.43 28.87 -4.35
N ARG B 82 1.26 28.16 -3.23
CA ARG B 82 0.55 28.68 -2.08
C ARG B 82 1.47 28.75 -0.88
N LYS B 83 1.08 29.56 0.09
CA LYS B 83 1.78 29.67 1.37
C LYS B 83 0.96 29.15 2.54
N THR B 84 -0.26 28.70 2.30
CA THR B 84 -1.14 28.17 3.33
C THR B 84 -1.43 26.70 3.02
N VAL B 85 -1.10 25.83 3.95
CA VAL B 85 -1.40 24.41 3.82
C VAL B 85 -2.91 24.24 3.89
N THR B 86 -3.48 23.58 2.89
CA THR B 86 -4.92 23.40 2.83
C THR B 86 -5.30 22.02 3.36
N ALA B 87 -6.57 21.86 3.73
CA ALA B 87 -7.06 20.56 4.17
C ALA B 87 -6.90 19.51 3.08
N MET B 88 -7.08 19.89 1.82
CA MET B 88 -6.95 18.91 0.74
C MET B 88 -5.51 18.43 0.61
N ASP B 89 -4.54 19.33 0.82
CA ASP B 89 -3.13 18.92 0.80
C ASP B 89 -2.86 17.83 1.84
N VAL B 90 -3.36 18.02 3.06
CA VAL B 90 -3.13 17.06 4.12
C VAL B 90 -3.83 15.73 3.82
N VAL B 91 -5.09 15.79 3.39
CA VAL B 91 -5.83 14.57 3.07
C VAL B 91 -5.12 13.79 1.97
N TYR B 92 -4.66 14.49 0.93
CA TYR B 92 -3.92 13.86 -0.16
C TYR B 92 -2.60 13.28 0.33
N ALA B 93 -1.89 13.99 1.21
CA ALA B 93 -0.65 13.47 1.77
C ALA B 93 -0.93 12.17 2.50
N LEU B 94 -1.98 12.15 3.31
CA LEU B 94 -2.32 10.96 4.08
C LEU B 94 -2.66 9.82 3.14
N LYS B 95 -3.44 10.10 2.09
CA LYS B 95 -3.79 9.09 1.12
C LYS B 95 -2.55 8.49 0.47
N ARG B 96 -1.60 9.33 0.07
CA ARG B 96 -0.41 8.85 -0.63
C ARG B 96 0.53 8.13 0.34
N GLN B 97 0.30 8.29 1.64
CA GLN B 97 1.00 7.51 2.65
C GLN B 97 0.21 6.28 3.09
N GLY B 98 -0.86 5.94 2.37
CA GLY B 98 -1.68 4.79 2.69
C GLY B 98 -2.62 4.96 3.86
N ARG B 99 -2.50 6.04 4.62
CA ARG B 99 -3.40 6.32 5.74
C ARG B 99 -4.49 7.31 5.33
N THR B 100 -5.25 6.93 4.30
CA THR B 100 -6.32 7.78 3.79
C THR B 100 -7.30 8.15 4.89
N LEU B 101 -7.64 9.44 4.97
CA LEU B 101 -8.52 9.96 5.99
C LEU B 101 -9.80 10.48 5.33
N TYR B 102 -10.94 10.07 5.87
CA TYR B 102 -12.24 10.52 5.42
C TYR B 102 -12.74 11.67 6.26
N GLY B 103 -13.39 12.64 5.62
CA GLY B 103 -14.09 13.70 6.32
C GLY B 103 -13.63 15.11 6.02
N PHE B 104 -12.57 15.32 5.23
CA PHE B 104 -12.06 16.65 4.96
C PHE B 104 -11.93 16.88 3.46
N GLY B 105 -12.61 16.07 2.66
CA GLY B 105 -12.58 16.21 1.22
C GLY B 105 -12.06 14.96 0.54
N GLY B 106 -12.52 14.73 -0.68
CA GLY B 106 -12.11 13.58 -1.45
C GLY B 106 -11.33 13.94 -2.71
N ARG C 15 19.13 19.93 -45.09
CA ARG C 15 18.61 19.49 -43.79
C ARG C 15 19.75 19.33 -42.78
N ALA C 16 19.51 19.80 -41.57
CA ALA C 16 20.52 19.72 -40.52
C ALA C 16 20.74 18.27 -40.09
N LYS C 17 21.95 17.98 -39.63
CA LYS C 17 22.27 16.64 -39.16
C LYS C 17 21.43 16.28 -37.94
N ALA C 18 20.90 15.06 -37.94
CA ALA C 18 20.02 14.62 -36.87
C ALA C 18 20.82 14.24 -35.63
N LYS C 19 20.48 14.85 -34.50
CA LYS C 19 21.06 14.53 -33.20
C LYS C 19 19.94 14.44 -32.17
N THR C 20 20.06 13.49 -31.26
CA THR C 20 18.98 13.18 -30.34
C THR C 20 18.99 14.11 -29.12
N ARG C 21 17.81 14.22 -28.49
CA ARG C 21 17.68 15.06 -27.30
C ARG C 21 18.48 14.50 -26.13
N SER C 22 18.59 13.18 -26.04
CA SER C 22 19.41 12.58 -24.99
C SER C 22 20.86 13.05 -25.10
N SER C 23 21.39 13.08 -26.32
CA SER C 23 22.75 13.57 -26.53
C SER C 23 22.85 15.05 -26.20
N ARG C 24 21.85 15.84 -26.60
CA ARG C 24 21.83 17.25 -26.27
C ARG C 24 21.80 17.48 -24.76
N ALA C 25 21.21 16.56 -24.00
CA ALA C 25 21.10 16.70 -22.57
C ALA C 25 22.23 16.00 -21.81
N GLY C 26 23.09 15.27 -22.50
CA GLY C 26 24.17 14.57 -21.83
C GLY C 26 23.70 13.34 -21.07
N LEU C 27 22.60 12.74 -21.49
CA LEU C 27 22.02 11.59 -20.83
C LEU C 27 22.12 10.36 -21.71
N GLN C 28 21.96 9.19 -21.10
CA GLN C 28 21.96 7.94 -21.83
C GLN C 28 20.56 7.39 -22.10
N PHE C 29 19.62 7.65 -21.20
CA PHE C 29 18.28 7.13 -21.45
C PHE C 29 17.60 7.90 -22.58
N PRO C 30 16.75 7.24 -23.35
CA PRO C 30 16.20 7.84 -24.57
C PRO C 30 15.10 8.84 -24.26
N VAL C 31 15.38 10.12 -24.53
CA VAL C 31 14.39 11.16 -24.30
C VAL C 31 13.16 10.91 -25.17
N GLY C 32 13.37 10.58 -26.44
CA GLY C 32 12.23 10.32 -27.32
C GLY C 32 11.33 9.20 -26.82
N ARG C 33 11.93 8.07 -26.40
CA ARG C 33 11.11 6.96 -25.93
C ARG C 33 10.35 7.30 -24.64
N VAL C 34 11.02 7.93 -23.67
CA VAL C 34 10.33 8.32 -22.44
C VAL C 34 9.20 9.31 -22.76
N HIS C 35 9.43 10.24 -23.69
CA HIS C 35 8.41 11.17 -24.11
C HIS C 35 7.22 10.43 -24.72
N ARG C 36 7.49 9.46 -25.59
CA ARG C 36 6.41 8.70 -26.21
C ARG C 36 5.62 7.92 -25.16
N LEU C 37 6.32 7.32 -24.20
CA LEU C 37 5.64 6.54 -23.17
C LEU C 37 4.79 7.44 -22.28
N LEU C 38 5.25 8.66 -22.03
CA LEU C 38 4.43 9.62 -21.29
C LEU C 38 3.20 10.02 -22.09
N ARG C 39 3.38 10.26 -23.40
CA ARG C 39 2.26 10.62 -24.26
C ARG C 39 1.21 9.50 -24.32
N LYS C 40 1.67 8.25 -24.37
CA LYS C 40 0.81 7.11 -24.60
C LYS C 40 0.43 6.38 -23.31
N GLY C 41 0.88 6.89 -22.16
CA GLY C 41 0.54 6.28 -20.89
C GLY C 41 -0.78 6.75 -20.31
N ASN C 42 -1.55 7.54 -21.07
CA ASN C 42 -2.83 8.08 -20.62
C ASN C 42 -2.68 8.84 -19.30
N TYR C 43 -1.66 9.70 -19.25
CA TYR C 43 -1.45 10.56 -18.08
C TYR C 43 -1.99 11.97 -18.28
N SER C 44 -1.86 12.52 -19.48
CA SER C 44 -2.42 13.82 -19.80
C SER C 44 -2.48 13.96 -21.31
N GLU C 45 -3.29 14.92 -21.78
CA GLU C 45 -3.32 15.21 -23.21
C GLU C 45 -2.09 15.98 -23.66
N ARG C 46 -1.46 16.74 -22.78
CA ARG C 46 -0.31 17.56 -23.13
C ARG C 46 0.87 17.25 -22.20
N VAL C 47 2.07 17.25 -22.79
CA VAL C 47 3.31 16.97 -22.08
C VAL C 47 4.38 17.96 -22.51
N GLY C 48 5.06 18.58 -21.55
CA GLY C 48 6.12 19.53 -21.85
C GLY C 48 7.38 18.83 -22.33
N ALA C 49 8.25 19.65 -22.94
CA ALA C 49 9.51 19.13 -23.47
C ALA C 49 10.50 18.77 -22.37
N GLY C 50 10.46 19.50 -21.25
CA GLY C 50 11.39 19.29 -20.15
C GLY C 50 11.04 18.16 -19.21
N ALA C 51 9.77 17.75 -19.17
CA ALA C 51 9.37 16.66 -18.28
C ALA C 51 10.11 15.37 -18.61
N PRO C 52 10.20 14.91 -19.87
CA PRO C 52 10.92 13.66 -20.12
C PRO C 52 12.41 13.80 -19.91
N VAL C 53 12.97 15.01 -20.06
CA VAL C 53 14.39 15.22 -19.79
C VAL C 53 14.65 15.03 -18.30
N TYR C 54 13.84 15.69 -17.47
CA TYR C 54 13.96 15.56 -16.03
C TYR C 54 13.81 14.10 -15.60
N LEU C 55 12.75 13.44 -16.08
CA LEU C 55 12.49 12.04 -15.74
C LEU C 55 13.66 11.16 -16.14
N ALA C 56 14.19 11.35 -17.36
CA ALA C 56 15.33 10.56 -17.79
C ALA C 56 16.52 10.79 -16.86
N ALA C 57 16.71 12.03 -16.42
CA ALA C 57 17.84 12.32 -15.54
C ALA C 57 17.68 11.63 -14.19
N VAL C 58 16.47 11.64 -13.63
CA VAL C 58 16.28 10.96 -12.35
C VAL C 58 16.48 9.45 -12.51
N LEU C 59 15.91 8.86 -13.57
CA LEU C 59 16.07 7.43 -13.79
C LEU C 59 17.54 7.05 -13.98
N GLU C 60 18.29 7.85 -14.74
CA GLU C 60 19.71 7.57 -14.95
C GLU C 60 20.46 7.66 -13.63
N TYR C 61 20.17 8.68 -12.84
CA TYR C 61 20.82 8.82 -11.54
C TYR C 61 20.56 7.59 -10.66
N LEU C 62 19.31 7.15 -10.56
CA LEU C 62 19.05 6.03 -9.67
C LEU C 62 19.74 4.78 -10.18
N THR C 63 19.72 4.57 -11.50
CA THR C 63 20.45 3.45 -12.09
C THR C 63 21.94 3.51 -11.78
N ALA C 64 22.55 4.70 -11.88
CA ALA C 64 23.99 4.79 -11.62
C ALA C 64 24.33 4.46 -10.18
N GLU C 65 23.54 4.94 -9.22
CA GLU C 65 23.82 4.62 -7.82
C GLU C 65 23.59 3.14 -7.51
N ILE C 66 22.47 2.57 -7.96
CA ILE C 66 22.26 1.15 -7.71
C ILE C 66 23.35 0.31 -8.36
N LEU C 67 23.73 0.62 -9.60
CA LEU C 67 24.78 -0.15 -10.27
C LEU C 67 26.13 0.03 -9.60
N GLU C 68 26.42 1.24 -9.11
CA GLU C 68 27.64 1.50 -8.34
C GLU C 68 27.71 0.59 -7.13
N LEU C 69 26.65 0.59 -6.31
CA LEU C 69 26.66 -0.23 -5.10
C LEU C 69 26.72 -1.72 -5.46
N ALA C 70 26.00 -2.14 -6.50
CA ALA C 70 26.02 -3.56 -6.87
C ALA C 70 27.41 -3.96 -7.35
N GLY C 71 28.08 -3.09 -8.11
CA GLY C 71 29.46 -3.35 -8.49
C GLY C 71 30.38 -3.47 -7.30
N ASN C 72 30.24 -2.55 -6.34
CA ASN C 72 31.01 -2.66 -5.10
C ASN C 72 30.81 -4.02 -4.45
N ALA C 73 29.56 -4.45 -4.31
CA ALA C 73 29.30 -5.75 -3.69
C ALA C 73 29.92 -6.88 -4.52
N ALA C 74 29.81 -6.77 -5.84
CA ALA C 74 30.36 -7.80 -6.72
C ALA C 74 31.87 -7.93 -6.55
N ARG C 75 32.58 -6.81 -6.48
CA ARG C 75 34.01 -6.86 -6.27
C ARG C 75 34.35 -7.37 -4.88
N ASP C 76 33.56 -6.98 -3.88
CA ASP C 76 33.74 -7.53 -2.53
C ASP C 76 33.62 -9.05 -2.53
N ASN C 77 32.82 -9.60 -3.43
CA ASN C 77 32.66 -11.04 -3.59
C ASN C 77 33.58 -11.59 -4.67
N LYS C 78 34.50 -10.78 -5.18
CA LYS C 78 35.41 -11.17 -6.27
C LYS C 78 34.66 -11.67 -7.49
N LYS C 79 33.54 -11.02 -7.81
CA LYS C 79 32.78 -11.29 -9.02
C LYS C 79 32.80 -10.07 -9.93
N THR C 80 32.99 -10.33 -11.23
CA THR C 80 33.00 -9.28 -12.24
C THR C 80 31.66 -9.09 -12.93
N ARG C 81 30.72 -10.03 -12.79
CA ARG C 81 29.40 -9.92 -13.40
C ARG C 81 28.35 -9.69 -12.33
N ILE C 82 27.52 -8.67 -12.54
CA ILE C 82 26.43 -8.36 -11.62
C ILE C 82 25.37 -9.44 -11.72
N ILE C 83 25.00 -10.00 -10.57
CA ILE C 83 23.94 -11.01 -10.50
C ILE C 83 22.83 -10.44 -9.61
N PRO C 84 21.63 -11.03 -9.61
CA PRO C 84 20.55 -10.50 -8.74
C PRO C 84 20.94 -10.43 -7.27
N ARG C 85 21.74 -11.37 -6.77
CA ARG C 85 22.19 -11.32 -5.38
C ARG C 85 22.89 -9.99 -5.08
N HIS C 86 23.78 -9.55 -5.98
CA HIS C 86 24.47 -8.27 -5.76
C HIS C 86 23.51 -7.10 -5.78
N LEU C 87 22.48 -7.16 -6.64
CA LEU C 87 21.48 -6.09 -6.67
C LEU C 87 20.71 -6.04 -5.37
N GLN C 88 20.32 -7.20 -4.84
CA GLN C 88 19.57 -7.24 -3.58
C GLN C 88 20.42 -6.73 -2.43
N LEU C 89 21.68 -7.18 -2.37
CA LEU C 89 22.60 -6.68 -1.34
C LEU C 89 22.75 -5.18 -1.44
N ALA C 90 22.99 -4.65 -2.65
CA ALA C 90 23.15 -3.22 -2.84
C ALA C 90 21.91 -2.46 -2.38
N ILE C 91 20.73 -2.98 -2.71
CA ILE C 91 19.47 -2.25 -2.36
C ILE C 91 19.31 -2.26 -0.84
N ARG C 92 19.48 -3.42 -0.21
CA ARG C 92 19.22 -3.50 1.22
C ARG C 92 20.31 -2.86 2.08
N ASN C 93 21.53 -2.72 1.54
CA ASN C 93 22.62 -2.11 2.30
C ASN C 93 22.60 -0.59 2.24
N ASP C 94 21.66 -0.01 1.50
CA ASP C 94 21.53 1.43 1.43
C ASP C 94 20.20 1.86 2.05
N GLU C 95 20.30 2.71 3.07
CA GLU C 95 19.11 3.12 3.83
C GLU C 95 18.08 3.77 2.93
N GLU C 96 18.53 4.63 2.00
CA GLU C 96 17.59 5.39 1.19
C GLU C 96 17.02 4.53 0.07
N LEU C 97 17.85 3.66 -0.53
CA LEU C 97 17.32 2.72 -1.52
C LEU C 97 16.40 1.71 -0.84
N ASN C 98 16.77 1.25 0.35
CA ASN C 98 15.91 0.30 1.07
C ASN C 98 14.56 0.94 1.41
N LYS C 99 14.57 2.22 1.79
CA LYS C 99 13.30 2.92 2.01
C LYS C 99 12.50 3.03 0.73
N LEU C 100 13.15 3.47 -0.35
CA LEU C 100 12.45 3.62 -1.63
C LEU C 100 11.87 2.30 -2.12
N LEU C 101 12.59 1.19 -1.90
CA LEU C 101 12.16 -0.13 -2.34
C LEU C 101 11.75 -1.00 -1.16
N GLY C 102 11.07 -0.40 -0.18
CA GLY C 102 10.67 -1.15 1.01
C GLY C 102 9.70 -2.27 0.71
N ARG C 103 8.86 -2.10 -0.31
CA ARG C 103 7.86 -3.10 -0.66
C ARG C 103 8.19 -3.84 -1.96
N VAL C 104 9.48 -4.08 -2.23
CA VAL C 104 9.91 -4.73 -3.46
C VAL C 104 10.70 -5.99 -3.09
N THR C 105 10.35 -7.11 -3.70
CA THR C 105 11.10 -8.35 -3.55
C THR C 105 11.90 -8.63 -4.82
N ILE C 106 13.21 -8.83 -4.66
CA ILE C 106 14.10 -9.12 -5.77
C ILE C 106 14.18 -10.63 -5.93
N ALA C 107 13.86 -11.12 -7.13
CA ALA C 107 13.97 -12.54 -7.42
C ALA C 107 15.43 -12.97 -7.41
N GLN C 108 15.69 -14.14 -6.84
CA GLN C 108 17.04 -14.69 -6.70
C GLN C 108 17.94 -13.74 -5.93
N GLY C 109 17.34 -12.89 -5.08
CA GLY C 109 18.10 -11.93 -4.30
C GLY C 109 18.53 -12.42 -2.94
N GLY C 110 17.77 -13.36 -2.36
CA GLY C 110 18.04 -13.78 -1.01
C GLY C 110 17.73 -12.67 -0.01
N VAL C 111 18.35 -12.80 1.17
CA VAL C 111 18.18 -11.84 2.25
C VAL C 111 19.56 -11.45 2.78
N LEU C 112 19.59 -10.36 3.56
CA LEU C 112 20.83 -9.95 4.20
C LEU C 112 21.22 -10.93 5.30
N PRO C 113 22.50 -11.31 5.39
CA PRO C 113 22.96 -12.09 6.53
C PRO C 113 22.80 -11.32 7.84
N ASN C 114 22.03 -11.87 8.78
CA ASN C 114 21.79 -11.17 10.05
C ASN C 114 21.26 -12.15 11.08
N ILE C 115 21.94 -12.21 12.23
CA ILE C 115 21.56 -13.07 13.35
C ILE C 115 21.29 -12.19 14.56
N GLN C 116 20.13 -12.36 15.16
CA GLN C 116 19.82 -11.63 16.39
C GLN C 116 20.78 -12.02 17.50
N ALA C 117 21.15 -11.06 18.34
CA ALA C 117 22.18 -11.35 19.37
C ALA C 117 21.70 -12.46 20.31
N VAL C 118 20.41 -12.55 20.59
CA VAL C 118 19.98 -13.51 21.59
C VAL C 118 20.19 -14.94 21.09
N LEU C 119 20.32 -15.13 19.78
CA LEU C 119 20.47 -16.47 19.22
C LEU C 119 21.91 -16.96 19.25
N LEU C 120 22.88 -16.08 19.47
CA LEU C 120 24.27 -16.50 19.45
C LEU C 120 24.60 -17.29 20.72
N PRO C 121 25.54 -18.22 20.64
CA PRO C 121 25.91 -19.00 21.82
C PRO C 121 26.59 -18.14 22.87
N LYS C 122 26.62 -18.66 24.10
CA LYS C 122 27.12 -17.94 25.25
C LYS C 122 28.19 -18.78 25.95
N LYS C 123 29.15 -18.10 26.56
CA LYS C 123 30.24 -18.78 27.25
C LYS C 123 29.93 -18.95 28.73
N LYS D 34 11.85 -13.44 -36.72
CA LYS D 34 11.64 -12.03 -36.44
C LYS D 34 10.29 -11.81 -35.74
N ARG D 35 10.35 -11.49 -34.46
CA ARG D 35 9.16 -11.25 -33.67
C ARG D 35 8.81 -9.76 -33.65
N SER D 36 7.77 -9.43 -32.89
CA SER D 36 7.29 -8.06 -32.80
C SER D 36 8.30 -7.17 -32.07
N ARG D 37 8.16 -5.87 -32.28
CA ARG D 37 9.06 -4.91 -31.65
C ARG D 37 8.82 -4.86 -30.15
N LYS D 38 9.82 -5.26 -29.38
CA LYS D 38 9.74 -5.28 -27.92
C LYS D 38 10.77 -4.29 -27.38
N GLU D 39 10.29 -3.22 -26.75
CA GLU D 39 11.17 -2.17 -26.25
C GLU D 39 11.73 -2.54 -24.88
N SER D 40 12.98 -2.11 -24.63
CA SER D 40 13.60 -2.28 -23.34
C SER D 40 14.68 -1.22 -23.16
N TYR D 41 15.17 -1.11 -21.93
CA TYR D 41 16.21 -0.15 -21.58
C TYR D 41 17.61 -0.78 -21.56
N SER D 42 17.75 -1.98 -22.12
CA SER D 42 19.00 -2.74 -21.95
C SER D 42 20.22 -1.95 -22.42
N ILE D 43 20.14 -1.35 -23.61
CA ILE D 43 21.32 -0.65 -24.13
C ILE D 43 21.64 0.58 -23.30
N TYR D 44 20.60 1.21 -22.74
CA TYR D 44 20.83 2.41 -21.92
C TYR D 44 21.39 2.03 -20.56
N VAL D 45 20.88 0.94 -19.97
CA VAL D 45 21.47 0.44 -18.73
C VAL D 45 22.92 0.11 -18.95
N TYR D 46 23.23 -0.51 -20.09
CA TYR D 46 24.62 -0.88 -20.36
C TYR D 46 25.51 0.35 -20.54
N LYS D 47 25.01 1.38 -21.23
CA LYS D 47 25.78 2.61 -21.39
C LYS D 47 26.06 3.29 -20.04
N VAL D 48 25.04 3.39 -19.18
CA VAL D 48 25.28 3.97 -17.85
C VAL D 48 26.27 3.12 -17.07
N LEU D 49 26.10 1.79 -17.10
CA LEU D 49 27.03 0.89 -16.42
C LEU D 49 28.47 1.11 -16.89
N LYS D 50 28.67 1.21 -18.21
CA LYS D 50 30.00 1.48 -18.73
C LYS D 50 30.52 2.85 -18.34
N GLN D 51 29.63 3.83 -18.15
CA GLN D 51 30.09 5.11 -17.61
C GLN D 51 30.57 4.96 -16.17
N VAL D 52 29.81 4.24 -15.34
CA VAL D 52 30.14 4.18 -13.92
C VAL D 52 31.10 3.03 -13.61
N HIS D 53 31.05 1.94 -14.39
CA HIS D 53 31.92 0.78 -14.20
C HIS D 53 32.33 0.25 -15.55
N PRO D 54 33.40 0.81 -16.14
CA PRO D 54 33.80 0.40 -17.50
C PRO D 54 34.10 -1.08 -17.65
N ASP D 55 34.61 -1.74 -16.61
CA ASP D 55 35.00 -3.14 -16.70
C ASP D 55 34.02 -4.10 -16.04
N THR D 56 32.77 -3.70 -15.85
CA THR D 56 31.76 -4.55 -15.21
C THR D 56 30.68 -4.91 -16.22
N GLY D 57 30.25 -6.17 -16.22
CA GLY D 57 29.20 -6.64 -17.09
C GLY D 57 27.86 -6.73 -16.39
N ILE D 58 26.94 -7.45 -17.01
CA ILE D 58 25.58 -7.59 -16.49
C ILE D 58 25.01 -8.92 -16.98
N SER D 59 24.36 -9.65 -16.08
CA SER D 59 23.69 -10.88 -16.45
C SER D 59 22.28 -10.58 -16.95
N SER D 60 21.69 -11.55 -17.65
CA SER D 60 20.33 -11.34 -18.15
C SER D 60 19.31 -11.20 -17.02
N LYS D 61 19.41 -12.04 -15.99
CA LYS D 61 18.50 -11.91 -14.86
C LYS D 61 18.64 -10.55 -14.19
N ALA D 62 19.88 -10.11 -13.99
CA ALA D 62 20.12 -8.81 -13.37
C ALA D 62 19.63 -7.67 -14.25
N MET D 63 19.83 -7.79 -15.58
CA MET D 63 19.32 -6.77 -16.49
C MET D 63 17.81 -6.71 -16.45
N GLY D 64 17.16 -7.87 -16.34
CA GLY D 64 15.73 -7.92 -16.17
C GLY D 64 15.28 -7.25 -14.89
N ILE D 65 16.05 -7.43 -13.82
CA ILE D 65 15.73 -6.77 -12.55
C ILE D 65 15.86 -5.26 -12.70
N MET D 66 16.89 -4.82 -13.44
CA MET D 66 17.07 -3.39 -13.67
C MET D 66 15.92 -2.81 -14.50
N ASN D 67 15.47 -3.57 -15.50
CA ASN D 67 14.34 -3.11 -16.30
C ASN D 67 13.06 -3.03 -15.48
N SER D 68 12.79 -4.06 -14.67
CA SER D 68 11.66 -3.98 -13.75
C SER D 68 11.76 -2.75 -12.84
N PHE D 69 12.94 -2.49 -12.28
CA PHE D 69 13.13 -1.33 -11.41
C PHE D 69 12.82 -0.03 -12.13
N VAL D 70 13.44 0.18 -13.29
CA VAL D 70 13.24 1.42 -14.03
C VAL D 70 11.79 1.60 -14.42
N ASN D 71 11.14 0.53 -14.93
CA ASN D 71 9.72 0.64 -15.28
C ASN D 71 8.85 0.97 -14.06
N ASP D 72 9.14 0.33 -12.92
CA ASP D 72 8.38 0.62 -11.70
C ASP D 72 8.52 2.09 -11.31
N ILE D 73 9.75 2.59 -11.32
CA ILE D 73 9.97 4.01 -10.93
C ILE D 73 9.23 4.89 -11.95
N PHE D 74 9.39 4.60 -13.24
CA PHE D 74 8.67 5.33 -14.27
C PHE D 74 7.18 5.42 -13.95
N GLU D 75 6.56 4.26 -13.70
CA GLU D 75 5.13 4.25 -13.39
C GLU D 75 4.80 5.10 -12.18
N ARG D 76 5.58 4.95 -11.10
CA ARG D 76 5.33 5.73 -9.89
C ARG D 76 5.41 7.23 -10.16
N ILE D 77 6.49 7.67 -10.83
CA ILE D 77 6.68 9.10 -11.03
C ILE D 77 5.64 9.66 -11.99
N ALA D 78 5.41 8.99 -13.12
CA ALA D 78 4.42 9.49 -14.07
C ALA D 78 3.03 9.54 -13.47
N GLY D 79 2.65 8.50 -12.69
CA GLY D 79 1.33 8.49 -12.09
C GLY D 79 1.16 9.59 -11.06
N GLU D 80 2.16 9.76 -10.18
CA GLU D 80 2.08 10.82 -9.20
C GLU D 80 2.05 12.20 -9.86
N ALA D 81 2.85 12.40 -10.91
CA ALA D 81 2.82 13.69 -11.60
C ALA D 81 1.46 13.94 -12.25
N SER D 82 0.87 12.92 -12.87
CA SER D 82 -0.46 13.08 -13.45
C SER D 82 -1.48 13.46 -12.38
N ARG D 83 -1.43 12.77 -11.25
CA ARG D 83 -2.36 13.06 -10.16
C ARG D 83 -2.15 14.46 -9.61
N LEU D 84 -0.89 14.85 -9.40
CA LEU D 84 -0.58 16.21 -8.97
C LEU D 84 -1.17 17.24 -9.92
N ALA D 85 -0.94 17.07 -11.23
CA ALA D 85 -1.47 18.01 -12.22
C ALA D 85 -2.99 18.05 -12.20
N HIS D 86 -3.64 16.89 -12.09
CA HIS D 86 -5.09 16.84 -12.02
C HIS D 86 -5.62 17.60 -10.81
N TYR D 87 -5.03 17.36 -9.64
CA TYR D 87 -5.45 18.00 -8.39
C TYR D 87 -5.43 19.52 -8.51
N ASN D 88 -4.54 20.07 -9.32
CA ASN D 88 -4.38 21.51 -9.44
C ASN D 88 -5.05 22.07 -10.68
N LYS D 89 -5.94 21.31 -11.32
CA LYS D 89 -6.64 21.73 -12.53
C LYS D 89 -5.66 22.15 -13.63
N ARG D 90 -4.59 21.38 -13.77
CA ARG D 90 -3.58 21.62 -14.78
C ARG D 90 -3.71 20.60 -15.91
N SER D 91 -3.72 21.11 -17.14
CA SER D 91 -3.91 20.27 -18.32
C SER D 91 -2.61 19.95 -19.05
N THR D 92 -1.49 20.52 -18.63
CA THR D 92 -0.21 20.33 -19.29
C THR D 92 0.76 19.67 -18.33
N ILE D 93 1.50 18.68 -18.84
CA ILE D 93 2.58 18.06 -18.09
C ILE D 93 3.84 18.90 -18.28
N THR D 94 4.36 19.42 -17.16
CA THR D 94 5.54 20.27 -17.11
C THR D 94 6.63 19.59 -16.28
N SER D 95 7.68 20.35 -15.98
CA SER D 95 8.80 19.82 -15.21
C SER D 95 8.63 20.05 -13.71
N ARG D 96 7.80 21.01 -13.30
CA ARG D 96 7.58 21.26 -11.88
C ARG D 96 6.84 20.11 -11.19
N GLU D 97 5.78 19.58 -11.80
CA GLU D 97 5.13 18.42 -11.20
C GLU D 97 6.06 17.20 -11.16
N ILE D 98 6.84 16.97 -12.23
CA ILE D 98 7.78 15.85 -12.20
C ILE D 98 8.76 16.01 -11.05
N GLN D 99 9.31 17.23 -10.88
CA GLN D 99 10.32 17.44 -9.83
C GLN D 99 9.69 17.25 -8.46
N THR D 100 8.49 17.80 -8.27
CA THR D 100 7.82 17.67 -6.98
C THR D 100 7.49 16.20 -6.68
N ALA D 101 7.01 15.45 -7.69
CA ALA D 101 6.78 14.03 -7.52
C ALA D 101 8.05 13.29 -7.12
N VAL D 102 9.18 13.62 -7.77
CA VAL D 102 10.45 13.01 -7.41
C VAL D 102 10.80 13.31 -5.96
N ARG D 103 10.56 14.55 -5.53
CA ARG D 103 10.83 14.92 -4.15
C ARG D 103 9.94 14.16 -3.17
N LEU D 104 8.68 13.91 -3.56
CA LEU D 104 7.79 13.14 -2.70
C LEU D 104 8.24 11.68 -2.61
N LEU D 105 8.67 11.09 -3.72
CA LEU D 105 8.93 9.65 -3.75
C LEU D 105 10.34 9.31 -3.30
N LEU D 106 11.29 10.20 -3.56
CA LEU D 106 12.69 9.89 -3.29
C LEU D 106 13.10 10.42 -1.92
N PRO D 107 14.02 9.77 -1.23
CA PRO D 107 14.47 10.25 0.07
C PRO D 107 15.28 11.53 -0.07
N GLY D 108 15.72 12.04 1.08
CA GLY D 108 16.20 13.42 1.15
C GLY D 108 17.37 13.70 0.22
N GLU D 109 18.54 13.14 0.53
CA GLU D 109 19.72 13.47 -0.27
C GLU D 109 19.57 12.98 -1.70
N LEU D 110 18.85 11.87 -1.89
CA LEU D 110 18.58 11.36 -3.23
C LEU D 110 17.75 12.37 -4.01
N ALA D 111 16.75 12.96 -3.35
CA ALA D 111 15.92 13.97 -3.98
C ALA D 111 16.73 15.20 -4.34
N LYS D 112 17.60 15.67 -3.42
CA LYS D 112 18.40 16.85 -3.72
C LYS D 112 19.30 16.60 -4.92
N HIS D 113 19.96 15.43 -4.96
CA HIS D 113 20.85 15.17 -6.09
C HIS D 113 20.08 15.05 -7.41
N ALA D 114 18.95 14.35 -7.39
CA ALA D 114 18.14 14.22 -8.59
C ALA D 114 17.62 15.56 -9.08
N VAL D 115 17.12 16.40 -8.16
CA VAL D 115 16.64 17.72 -8.53
C VAL D 115 17.78 18.56 -9.14
N SER D 116 18.97 18.51 -8.53
CA SER D 116 20.10 19.25 -9.08
C SER D 116 20.44 18.80 -10.50
N GLU D 117 20.50 17.48 -10.71
CA GLU D 117 20.80 16.95 -12.02
C GLU D 117 19.72 17.34 -13.03
N GLY D 118 18.46 17.21 -12.65
CA GLY D 118 17.39 17.55 -13.58
C GLY D 118 17.42 19.02 -13.97
N THR D 119 17.63 19.92 -13.00
CA THR D 119 17.64 21.34 -13.34
C THR D 119 18.81 21.66 -14.26
N LYS D 120 20.02 21.21 -13.90
CA LYS D 120 21.16 21.47 -14.81
C LYS D 120 20.88 20.91 -16.21
N ALA D 121 20.35 19.68 -16.29
CA ALA D 121 20.10 19.08 -17.60
C ALA D 121 19.06 19.85 -18.39
N VAL D 122 17.97 20.27 -17.74
CA VAL D 122 16.92 20.99 -18.44
C VAL D 122 17.40 22.36 -18.91
N THR D 123 18.18 23.06 -18.08
CA THR D 123 18.68 24.37 -18.51
C THR D 123 19.68 24.23 -19.63
N LYS D 124 20.52 23.18 -19.58
CA LYS D 124 21.44 22.95 -20.69
C LYS D 124 20.68 22.61 -21.96
N TYR D 125 19.62 21.80 -21.87
CA TYR D 125 18.85 21.48 -23.05
C TYR D 125 18.22 22.75 -23.63
N THR D 126 17.67 23.60 -22.75
CA THR D 126 17.01 24.82 -23.22
C THR D 126 18.01 25.75 -23.89
N SER D 127 19.28 25.70 -23.47
CA SER D 127 20.30 26.49 -24.12
C SER D 127 20.44 26.11 -25.58
N ALA D 128 20.21 24.84 -25.90
CA ALA D 128 20.18 24.37 -27.28
C ALA D 128 18.82 24.72 -27.89
N LYS E 41 32.53 -43.27 21.23
CA LYS E 41 31.21 -42.80 20.86
C LYS E 41 31.28 -41.93 19.61
N PRO E 42 30.27 -42.03 18.73
CA PRO E 42 30.25 -41.20 17.53
C PRO E 42 30.08 -39.73 17.89
N HIS E 43 30.54 -38.86 16.98
CA HIS E 43 30.48 -37.43 17.24
C HIS E 43 29.04 -36.93 17.10
N ARG E 44 28.68 -35.94 17.92
CA ARG E 44 27.36 -35.34 17.89
C ARG E 44 27.47 -33.91 18.37
N TYR E 45 26.97 -32.97 17.55
CA TYR E 45 26.96 -31.57 17.93
C TYR E 45 25.84 -31.28 18.92
N ARG E 46 26.08 -30.33 19.81
CA ARG E 46 25.07 -29.92 20.76
C ARG E 46 23.93 -29.22 20.02
N PRO E 47 22.70 -29.27 20.55
CA PRO E 47 21.58 -28.59 19.88
C PRO E 47 21.85 -27.12 19.59
N GLY E 48 21.74 -26.75 18.32
CA GLY E 48 21.95 -25.38 17.87
C GLY E 48 23.10 -25.17 16.91
N THR E 49 24.26 -25.82 17.11
CA THR E 49 25.41 -25.60 16.22
C THR E 49 25.05 -25.91 14.77
N VAL E 50 24.35 -27.02 14.55
CA VAL E 50 24.01 -27.41 13.19
C VAL E 50 22.90 -26.51 12.68
N ALA E 51 21.99 -26.08 13.56
CA ALA E 51 20.96 -25.13 13.18
C ALA E 51 21.58 -23.85 12.64
N LEU E 52 22.53 -23.28 13.37
CA LEU E 52 23.21 -22.08 12.89
C LEU E 52 23.91 -22.36 11.56
N ARG E 53 24.59 -23.51 11.44
CA ARG E 53 25.23 -23.81 10.16
C ARG E 53 24.24 -23.81 9.00
N GLU E 54 23.06 -24.40 9.19
CA GLU E 54 22.13 -24.38 8.02
C GLU E 54 21.63 -22.95 7.81
N ILE E 55 21.44 -22.17 8.89
CA ILE E 55 21.02 -20.78 8.74
C ILE E 55 22.03 -20.02 7.88
N ARG E 56 23.31 -20.13 8.22
CA ARG E 56 24.34 -19.45 7.44
C ARG E 56 24.34 -19.93 5.99
N ARG E 57 24.28 -21.25 5.79
CA ARG E 57 24.28 -21.82 4.45
C ARG E 57 23.13 -21.26 3.61
N TYR E 58 21.90 -21.31 4.12
CA TYR E 58 20.76 -20.92 3.29
C TYR E 58 20.59 -19.41 3.22
N GLN E 59 21.16 -18.65 4.15
CA GLN E 59 21.12 -17.20 4.01
C GLN E 59 22.22 -16.68 3.08
N LYS E 60 23.26 -17.48 2.83
CA LYS E 60 24.29 -17.03 1.90
C LYS E 60 23.85 -17.17 0.45
N SER E 61 23.02 -18.15 0.14
CA SER E 61 22.68 -18.50 -1.23
C SER E 61 21.27 -18.03 -1.59
N THR E 62 20.91 -18.22 -2.85
CA THR E 62 19.61 -17.79 -3.37
C THR E 62 18.85 -18.89 -4.10
N GLU E 63 19.40 -20.09 -4.19
CA GLU E 63 18.72 -21.17 -4.90
C GLU E 63 17.46 -21.58 -4.13
N LEU E 64 16.44 -21.99 -4.88
CA LEU E 64 15.12 -22.23 -4.32
C LEU E 64 15.11 -23.42 -3.36
N LEU E 65 14.29 -23.31 -2.31
CA LEU E 65 14.28 -24.27 -1.22
C LEU E 65 13.05 -25.17 -1.21
N ILE E 66 11.96 -24.78 -1.88
CA ILE E 66 10.76 -25.59 -1.99
C ILE E 66 10.77 -26.35 -3.30
N ARG E 67 10.28 -27.59 -3.27
CA ARG E 67 10.29 -28.44 -4.46
C ARG E 67 9.34 -27.92 -5.53
N LYS E 68 9.80 -27.95 -6.78
CA LYS E 68 9.04 -27.40 -7.90
C LYS E 68 7.74 -28.16 -8.17
N LEU E 69 7.83 -29.47 -8.43
CA LEU E 69 6.70 -30.27 -8.87
C LEU E 69 5.57 -30.41 -7.84
N PRO E 70 5.84 -30.66 -6.55
CA PRO E 70 4.71 -30.69 -5.61
C PRO E 70 4.00 -29.36 -5.50
N PHE E 71 4.77 -28.26 -5.54
CA PHE E 71 4.15 -26.94 -5.53
C PHE E 71 3.29 -26.76 -6.77
N GLN E 72 3.82 -27.16 -7.93
CA GLN E 72 3.10 -27.08 -9.19
C GLN E 72 1.78 -27.86 -9.13
N ARG E 73 1.82 -29.07 -8.58
CA ARG E 73 0.59 -29.84 -8.44
C ARG E 73 -0.40 -29.11 -7.53
N LEU E 74 0.10 -28.54 -6.42
CA LEU E 74 -0.78 -27.79 -5.53
C LEU E 74 -1.43 -26.61 -6.25
N VAL E 75 -0.62 -25.82 -6.96
CA VAL E 75 -1.16 -24.65 -7.67
C VAL E 75 -2.23 -25.08 -8.66
N ARG E 76 -1.99 -26.14 -9.44
CA ARG E 76 -3.02 -26.52 -10.39
C ARG E 76 -4.27 -27.03 -9.67
N GLU E 77 -4.09 -27.78 -8.57
CA GLU E 77 -5.23 -28.26 -7.78
C GLU E 77 -6.07 -27.10 -7.25
N ILE E 78 -5.40 -26.13 -6.62
CA ILE E 78 -6.11 -24.98 -6.05
C ILE E 78 -6.81 -24.23 -7.18
N ALA E 79 -6.15 -24.06 -8.31
CA ALA E 79 -6.72 -23.35 -9.45
C ALA E 79 -7.97 -24.02 -10.01
N GLN E 80 -8.08 -25.36 -10.08
CA GLN E 80 -9.33 -25.87 -10.64
C GLN E 80 -10.53 -25.49 -9.78
N ASP E 81 -10.31 -25.14 -8.51
CA ASP E 81 -11.39 -24.68 -7.66
C ASP E 81 -11.87 -23.27 -8.02
N PHE E 82 -11.15 -22.58 -8.89
CA PHE E 82 -11.61 -21.33 -9.47
C PHE E 82 -12.02 -21.47 -10.92
N LYS E 83 -11.23 -22.17 -11.73
CA LYS E 83 -11.57 -22.42 -13.12
C LYS E 83 -10.98 -23.77 -13.53
N THR E 84 -11.82 -24.62 -14.11
CA THR E 84 -11.39 -25.96 -14.49
C THR E 84 -10.56 -25.93 -15.78
N ASP E 85 -9.67 -26.92 -15.91
CA ASP E 85 -8.92 -27.16 -17.15
C ASP E 85 -7.96 -26.00 -17.41
N LEU E 86 -7.61 -25.28 -16.35
CA LEU E 86 -6.68 -24.16 -16.47
C LEU E 86 -5.27 -24.67 -16.75
N ARG E 87 -4.53 -23.88 -17.54
CA ARG E 87 -3.13 -24.14 -17.82
C ARG E 87 -2.25 -23.10 -17.12
N PHE E 88 -0.96 -23.42 -17.01
CA PHE E 88 0.02 -22.54 -16.38
C PHE E 88 1.27 -22.48 -17.23
N GLN E 89 1.78 -21.28 -17.46
CA GLN E 89 3.10 -21.11 -18.05
C GLN E 89 4.17 -21.51 -17.04
N SER E 90 5.28 -22.06 -17.54
CA SER E 90 6.39 -22.41 -16.66
C SER E 90 6.87 -21.20 -15.88
N SER E 91 7.12 -20.08 -16.57
CA SER E 91 7.60 -18.91 -15.86
C SER E 91 6.55 -18.37 -14.89
N ALA E 92 5.28 -18.71 -15.10
CA ALA E 92 4.24 -18.30 -14.16
C ALA E 92 4.36 -19.05 -12.85
N VAL E 93 4.60 -20.37 -12.93
CA VAL E 93 4.76 -21.16 -11.72
C VAL E 93 6.05 -20.75 -11.02
N MET E 94 7.12 -20.51 -11.78
CA MET E 94 8.36 -20.08 -11.12
C MET E 94 8.18 -18.73 -10.44
N ALA E 95 7.40 -17.82 -11.05
CA ALA E 95 7.13 -16.54 -10.42
C ALA E 95 6.35 -16.73 -9.13
N LEU E 96 5.30 -17.58 -9.18
CA LEU E 96 4.52 -17.86 -7.98
C LEU E 96 5.40 -18.47 -6.89
N GLN E 97 6.36 -19.31 -7.27
CA GLN E 97 7.21 -19.97 -6.29
C GLN E 97 8.18 -18.99 -5.66
N GLU E 98 8.78 -18.12 -6.47
CA GLU E 98 9.65 -17.07 -5.96
C GLU E 98 8.90 -16.18 -4.98
N ALA E 99 7.67 -15.78 -5.36
CA ALA E 99 6.86 -14.92 -4.51
C ALA E 99 6.54 -15.63 -3.19
N CYS E 100 6.19 -16.92 -3.27
CA CYS E 100 5.83 -17.66 -2.07
C CYS E 100 7.01 -17.76 -1.12
N GLU E 101 8.21 -18.08 -1.64
CA GLU E 101 9.34 -18.23 -0.75
C GLU E 101 9.75 -16.89 -0.14
N ALA E 102 9.72 -15.81 -0.93
CA ALA E 102 10.00 -14.50 -0.35
C ALA E 102 8.99 -14.14 0.74
N TYR E 103 7.71 -14.43 0.50
CA TYR E 103 6.68 -14.13 1.49
C TYR E 103 6.91 -14.93 2.77
N LEU E 104 7.17 -16.22 2.63
CA LEU E 104 7.38 -17.06 3.80
C LEU E 104 8.64 -16.66 4.56
N VAL E 105 9.73 -16.35 3.85
CA VAL E 105 10.94 -15.90 4.53
C VAL E 105 10.68 -14.64 5.34
N GLY E 106 10.00 -13.64 4.74
CA GLY E 106 9.69 -12.44 5.51
C GLY E 106 8.79 -12.71 6.69
N LEU E 107 7.76 -13.55 6.51
CA LEU E 107 6.89 -13.89 7.62
C LEU E 107 7.65 -14.58 8.74
N PHE E 108 8.60 -15.45 8.38
CA PHE E 108 9.41 -16.14 9.39
C PHE E 108 10.37 -15.20 10.08
N GLU E 109 10.87 -14.20 9.36
CA GLU E 109 11.67 -13.16 10.01
C GLU E 109 10.86 -12.45 11.08
N ASP E 110 9.63 -12.04 10.72
CA ASP E 110 8.81 -11.32 11.69
C ASP E 110 8.43 -12.21 12.86
N THR E 111 8.05 -13.46 12.57
CA THR E 111 7.76 -14.43 13.62
C THR E 111 8.94 -14.60 14.57
N ASN E 112 10.16 -14.72 14.03
CA ASN E 112 11.33 -14.83 14.89
C ASN E 112 11.50 -13.59 15.76
N LEU E 113 11.30 -12.40 15.19
CA LEU E 113 11.41 -11.20 16.01
C LEU E 113 10.37 -11.17 17.12
N CYS E 114 9.15 -11.63 16.84
CA CYS E 114 8.12 -11.66 17.87
C CYS E 114 8.46 -12.68 18.95
N ALA E 115 8.99 -13.84 18.56
CA ALA E 115 9.41 -14.86 19.53
C ALA E 115 10.50 -14.32 20.43
N ILE E 116 11.53 -13.70 19.84
CA ILE E 116 12.63 -13.13 20.61
C ILE E 116 12.11 -12.05 21.56
N HIS E 117 11.14 -11.26 21.10
CA HIS E 117 10.53 -10.25 21.97
C HIS E 117 9.98 -10.88 23.24
N ALA E 118 9.41 -12.07 23.14
CA ALA E 118 8.85 -12.78 24.28
C ALA E 118 9.88 -13.64 25.01
N LYS E 119 11.17 -13.29 24.89
CA LYS E 119 12.30 -14.01 25.51
C LYS E 119 12.23 -15.51 25.22
N ARG E 120 11.67 -15.86 24.06
CA ARG E 120 11.61 -17.22 23.57
C ARG E 120 12.48 -17.39 22.34
N VAL E 121 12.70 -18.65 21.96
CA VAL E 121 13.45 -19.00 20.76
C VAL E 121 12.60 -19.82 19.80
N THR E 122 11.92 -20.83 20.29
CA THR E 122 11.11 -21.70 19.44
C THR E 122 9.81 -21.01 19.05
N ILE E 123 9.55 -20.95 17.75
CA ILE E 123 8.34 -20.34 17.22
C ILE E 123 7.20 -21.35 17.26
N MET E 124 5.99 -20.85 17.55
CA MET E 124 4.76 -21.61 17.70
C MET E 124 3.63 -20.94 16.93
N PRO E 125 2.52 -21.66 16.68
CA PRO E 125 1.42 -21.06 15.89
C PRO E 125 0.93 -19.71 16.38
N LYS E 126 0.84 -19.49 17.69
CA LYS E 126 0.38 -18.18 18.16
C LYS E 126 1.33 -17.07 17.74
N ASP E 127 2.62 -17.39 17.56
CA ASP E 127 3.57 -16.42 17.04
C ASP E 127 3.23 -16.05 15.61
N ILE E 128 2.95 -17.06 14.77
CA ILE E 128 2.55 -16.81 13.39
C ILE E 128 1.28 -15.95 13.37
N GLN E 129 0.32 -16.28 14.24
CA GLN E 129 -0.95 -15.57 14.24
C GLN E 129 -0.77 -14.13 14.69
N LEU E 130 0.14 -13.88 15.65
CA LEU E 130 0.42 -12.52 16.05
C LEU E 130 1.09 -11.75 14.92
N ALA E 131 2.08 -12.36 14.27
CA ALA E 131 2.78 -11.69 13.18
C ALA E 131 1.81 -11.29 12.08
N ARG E 132 0.91 -12.21 11.71
CA ARG E 132 -0.03 -11.89 10.62
C ARG E 132 -1.11 -10.91 11.06
N ARG E 133 -1.52 -10.98 12.33
CA ARG E 133 -2.50 -10.03 12.85
C ARG E 133 -1.94 -8.61 12.88
N ILE E 134 -0.68 -8.45 13.29
CA ILE E 134 -0.10 -7.12 13.38
C ILE E 134 0.19 -6.56 11.99
N ARG E 135 0.55 -7.43 11.04
CA ARG E 135 0.74 -7.01 9.66
C ARG E 135 -0.55 -6.54 8.99
N GLY E 136 -1.70 -6.92 9.53
CA GLY E 136 -2.98 -6.55 8.94
C GLY E 136 -3.53 -7.54 7.94
N GLU E 137 -3.03 -8.78 7.95
CA GLU E 137 -3.53 -9.83 7.08
C GLU E 137 -4.71 -10.59 7.69
N ARG E 138 -5.03 -10.36 8.95
CA ARG E 138 -6.14 -11.06 9.60
C ARG E 138 -7.24 -10.09 10.00
N ARG F 27 -7.24 -32.14 -2.39
CA ARG F 27 -6.67 -33.49 -2.37
C ARG F 27 -5.49 -33.58 -1.41
N ASP F 28 -4.55 -34.47 -1.70
CA ASP F 28 -3.44 -34.76 -0.82
C ASP F 28 -2.20 -33.92 -1.14
N ASN F 29 -2.25 -33.10 -2.19
CA ASN F 29 -1.03 -32.48 -2.69
C ASN F 29 -0.45 -31.47 -1.72
N ILE F 30 -1.22 -31.05 -0.71
CA ILE F 30 -0.67 -30.12 0.28
C ILE F 30 0.51 -30.78 1.01
N GLN F 31 0.54 -32.11 1.04
CA GLN F 31 1.64 -32.83 1.68
C GLN F 31 2.91 -32.82 0.85
N GLY F 32 2.84 -32.35 -0.40
CA GLY F 32 4.06 -32.21 -1.19
C GLY F 32 4.97 -31.08 -0.75
N ILE F 33 4.44 -30.08 -0.05
CA ILE F 33 5.29 -29.12 0.65
C ILE F 33 5.66 -29.77 1.98
N THR F 34 6.77 -30.51 1.95
CA THR F 34 7.11 -31.44 3.02
C THR F 34 7.67 -30.71 4.24
N LYS F 35 7.72 -31.43 5.36
CA LYS F 35 8.29 -30.91 6.59
C LYS F 35 9.68 -30.30 6.39
N PRO F 36 10.62 -30.94 5.69
CA PRO F 36 11.93 -30.30 5.50
C PRO F 36 11.84 -29.04 4.66
N ALA F 37 10.85 -28.93 3.77
CA ALA F 37 10.73 -27.71 2.99
C ALA F 37 10.32 -26.55 3.88
N ILE F 38 9.34 -26.76 4.77
CA ILE F 38 8.94 -25.69 5.69
C ILE F 38 10.10 -25.34 6.61
N ARG F 39 10.83 -26.35 7.07
CA ARG F 39 12.02 -26.08 7.86
C ARG F 39 13.03 -25.21 7.10
N ARG F 40 13.29 -25.53 5.83
CA ARG F 40 14.26 -24.73 5.07
C ARG F 40 13.79 -23.29 4.87
N LEU F 41 12.52 -23.09 4.48
CA LEU F 41 11.99 -21.74 4.38
C LEU F 41 12.11 -20.99 5.71
N ALA F 42 11.83 -21.68 6.81
CA ALA F 42 11.91 -21.02 8.11
C ALA F 42 13.35 -20.67 8.45
N ARG F 43 14.29 -21.56 8.11
CA ARG F 43 15.70 -21.26 8.30
C ARG F 43 16.11 -20.00 7.54
N ARG F 44 15.70 -19.87 6.28
CA ARG F 44 16.02 -18.62 5.58
C ARG F 44 15.34 -17.44 6.27
N GLY F 45 14.23 -17.69 6.98
CA GLY F 45 13.63 -16.65 7.79
C GLY F 45 14.34 -16.40 9.11
N GLY F 46 15.37 -17.19 9.42
CA GLY F 46 16.24 -16.92 10.55
C GLY F 46 15.86 -17.56 11.87
N VAL F 47 14.93 -18.51 11.88
CA VAL F 47 14.52 -19.15 13.13
C VAL F 47 15.45 -20.33 13.42
N LYS F 48 15.73 -20.55 14.70
CA LYS F 48 16.63 -21.62 15.11
C LYS F 48 15.90 -22.91 15.49
N ARG F 49 14.68 -22.79 16.01
CA ARG F 49 13.92 -23.96 16.46
C ARG F 49 12.48 -23.83 15.97
N ILE F 50 11.87 -24.95 15.62
CA ILE F 50 10.56 -24.97 14.97
C ILE F 50 9.68 -25.98 15.69
N SER F 51 8.56 -25.51 16.24
CA SER F 51 7.61 -26.39 16.92
C SER F 51 6.92 -27.31 15.92
N GLY F 52 6.51 -28.48 16.41
CA GLY F 52 5.78 -29.43 15.59
C GLY F 52 4.45 -28.88 15.07
N LEU F 53 3.86 -27.92 15.79
CA LEU F 53 2.58 -27.34 15.40
C LEU F 53 2.73 -26.26 14.35
N ILE F 54 3.97 -25.90 14.01
CA ILE F 54 4.27 -24.86 13.02
C ILE F 54 3.85 -25.27 11.61
N TYR F 55 4.11 -26.53 11.23
CA TYR F 55 3.98 -26.95 9.83
C TYR F 55 2.57 -26.77 9.27
N GLU F 56 1.54 -27.26 9.98
CA GLU F 56 0.19 -27.05 9.47
C GLU F 56 -0.14 -25.56 9.39
N GLU F 57 0.31 -24.77 10.37
CA GLU F 57 0.01 -23.34 10.31
C GLU F 57 0.62 -22.73 9.06
N THR F 58 1.87 -23.09 8.78
CA THR F 58 2.54 -22.53 7.60
C THR F 58 1.79 -22.94 6.36
N ARG F 59 1.31 -24.19 6.34
CA ARG F 59 0.62 -24.69 5.15
C ARG F 59 -0.64 -23.87 4.93
N GLY F 60 -1.39 -23.62 6.01
CA GLY F 60 -2.61 -22.85 5.89
C GLY F 60 -2.31 -21.45 5.34
N VAL F 61 -1.29 -20.80 5.92
CA VAL F 61 -0.96 -19.45 5.50
C VAL F 61 -0.60 -19.45 4.01
N LEU F 62 0.23 -20.42 3.61
CA LEU F 62 0.66 -20.47 2.24
C LEU F 62 -0.55 -20.67 1.34
N LYS F 63 -1.46 -21.58 1.74
CA LYS F 63 -2.60 -21.88 0.90
C LYS F 63 -3.46 -20.65 0.70
N VAL F 64 -3.73 -19.90 1.77
CA VAL F 64 -4.58 -18.70 1.69
C VAL F 64 -3.94 -17.72 0.72
N PHE F 65 -2.63 -17.53 0.86
CA PHE F 65 -1.93 -16.61 -0.01
C PHE F 65 -2.21 -17.04 -1.45
N LEU F 66 -2.06 -18.35 -1.72
CA LEU F 66 -2.23 -18.82 -3.08
C LEU F 66 -3.65 -18.56 -3.57
N GLU F 67 -4.64 -18.77 -2.70
CA GLU F 67 -6.04 -18.58 -3.14
C GLU F 67 -6.20 -17.15 -3.65
N ASN F 68 -5.69 -16.18 -2.91
CA ASN F 68 -5.83 -14.77 -3.27
C ASN F 68 -5.05 -14.43 -4.54
N VAL F 69 -3.80 -14.92 -4.62
CA VAL F 69 -2.98 -14.62 -5.80
C VAL F 69 -3.59 -15.26 -7.04
N ILE F 70 -3.94 -16.55 -6.96
CA ILE F 70 -4.37 -17.28 -8.14
C ILE F 70 -5.70 -16.70 -8.60
N ARG F 71 -6.56 -16.32 -7.65
CA ARG F 71 -7.82 -15.67 -7.99
C ARG F 71 -7.55 -14.46 -8.86
N ASP F 72 -6.66 -13.57 -8.41
CA ASP F 72 -6.41 -12.37 -9.21
C ASP F 72 -5.81 -12.74 -10.56
N ALA F 73 -4.85 -13.68 -10.57
CA ALA F 73 -4.20 -14.06 -11.82
C ALA F 73 -5.22 -14.60 -12.82
N VAL F 74 -6.11 -15.49 -12.36
CA VAL F 74 -7.05 -16.12 -13.27
C VAL F 74 -8.05 -15.07 -13.75
N THR F 75 -8.40 -14.12 -12.88
CA THR F 75 -9.30 -13.04 -13.28
C THR F 75 -8.68 -12.27 -14.44
N TYR F 76 -7.40 -11.93 -14.31
CA TYR F 76 -6.71 -11.23 -15.40
C TYR F 76 -6.69 -12.09 -16.65
N THR F 77 -6.38 -13.38 -16.51
CA THR F 77 -6.33 -14.27 -17.66
C THR F 77 -7.67 -14.33 -18.38
N GLU F 78 -8.78 -14.39 -17.63
CA GLU F 78 -10.08 -14.51 -18.26
C GLU F 78 -10.46 -13.20 -18.93
N HIS F 79 -10.10 -12.06 -18.33
CA HIS F 79 -10.42 -10.78 -18.95
C HIS F 79 -9.73 -10.64 -20.30
N ALA F 80 -8.55 -11.24 -20.45
CA ALA F 80 -7.81 -11.21 -21.70
C ALA F 80 -8.31 -12.25 -22.70
N LYS F 81 -9.36 -13.00 -22.35
CA LYS F 81 -9.89 -14.08 -23.19
C LYS F 81 -8.81 -15.11 -23.51
N ARG F 82 -8.04 -15.49 -22.50
CA ARG F 82 -7.03 -16.53 -22.62
C ARG F 82 -7.41 -17.73 -21.76
N LYS F 83 -6.78 -18.87 -22.06
CA LYS F 83 -7.00 -20.09 -21.30
C LYS F 83 -5.79 -20.52 -20.49
N THR F 84 -4.66 -19.83 -20.62
CA THR F 84 -3.45 -20.14 -19.88
C THR F 84 -3.01 -18.92 -19.07
N VAL F 85 -2.81 -19.13 -17.77
CA VAL F 85 -2.28 -18.09 -16.89
C VAL F 85 -0.81 -17.89 -17.24
N THR F 86 -0.44 -16.65 -17.52
CA THR F 86 0.91 -16.31 -17.92
C THR F 86 1.71 -15.76 -16.75
N ALA F 87 3.03 -15.67 -16.94
CA ALA F 87 3.89 -15.04 -15.95
C ALA F 87 3.48 -13.59 -15.72
N MET F 88 3.06 -12.90 -16.78
CA MET F 88 2.65 -11.50 -16.66
C MET F 88 1.39 -11.38 -15.81
N ASP F 89 0.47 -12.34 -15.97
CA ASP F 89 -0.74 -12.36 -15.14
C ASP F 89 -0.35 -12.40 -13.67
N VAL F 90 0.62 -13.24 -13.34
CA VAL F 90 1.11 -13.38 -11.97
C VAL F 90 1.78 -12.09 -11.52
N VAL F 91 2.59 -11.48 -12.38
CA VAL F 91 3.25 -10.23 -12.03
C VAL F 91 2.22 -9.16 -11.68
N TYR F 92 1.15 -9.05 -12.48
CA TYR F 92 0.10 -8.08 -12.14
C TYR F 92 -0.59 -8.44 -10.83
N ALA F 93 -0.88 -9.71 -10.62
CA ALA F 93 -1.52 -10.12 -9.36
C ALA F 93 -0.66 -9.76 -8.16
N LEU F 94 0.65 -10.04 -8.25
CA LEU F 94 1.55 -9.75 -7.14
C LEU F 94 1.65 -8.24 -6.92
N LYS F 95 1.75 -7.48 -8.01
CA LYS F 95 1.84 -6.03 -7.90
C LYS F 95 0.61 -5.47 -7.19
N ARG F 96 -0.58 -5.94 -7.58
CA ARG F 96 -1.80 -5.40 -6.99
C ARG F 96 -1.99 -5.91 -5.56
N GLN F 97 -1.42 -7.08 -5.25
CA GLN F 97 -1.47 -7.58 -3.88
C GLN F 97 -0.63 -6.72 -2.93
N GLY F 98 0.24 -5.88 -3.47
CA GLY F 98 1.07 -5.00 -2.66
C GLY F 98 2.51 -5.41 -2.54
N ARG F 99 2.94 -6.44 -3.28
CA ARG F 99 4.33 -6.87 -3.31
C ARG F 99 4.77 -7.05 -4.77
N THR F 100 5.54 -6.09 -5.26
CA THR F 100 6.01 -6.09 -6.64
C THR F 100 7.14 -7.08 -6.80
N LEU F 101 7.06 -7.93 -7.83
CA LEU F 101 8.07 -8.94 -8.10
C LEU F 101 8.84 -8.53 -9.35
N TYR F 102 10.16 -8.46 -9.22
CA TYR F 102 11.05 -8.10 -10.31
C TYR F 102 11.64 -9.38 -10.92
N GLY F 103 11.80 -9.37 -12.24
CA GLY F 103 12.51 -10.43 -12.92
C GLY F 103 11.71 -11.25 -13.90
N PHE F 104 10.41 -11.00 -14.02
CA PHE F 104 9.53 -11.80 -14.87
C PHE F 104 8.79 -10.94 -15.89
N GLY F 105 9.28 -9.73 -16.15
CA GLY F 105 8.69 -8.86 -17.15
C GLY F 105 7.99 -7.67 -16.52
N GLY F 106 7.64 -6.71 -17.38
CA GLY F 106 6.94 -5.52 -16.93
C GLY F 106 7.86 -4.36 -16.62
N LYS G 17 -39.06 17.44 -24.72
CA LYS G 17 -38.81 16.81 -23.43
C LYS G 17 -37.49 16.04 -23.46
N ALA G 18 -36.78 16.06 -22.34
CA ALA G 18 -35.51 15.36 -22.18
C ALA G 18 -35.63 14.36 -21.05
N LYS G 19 -35.22 13.12 -21.30
CA LYS G 19 -35.27 12.07 -20.31
C LYS G 19 -33.88 11.45 -20.19
N THR G 20 -33.42 11.26 -18.96
CA THR G 20 -32.03 10.89 -18.73
C THR G 20 -31.83 9.37 -18.72
N ARG G 21 -30.57 8.98 -18.92
CA ARG G 21 -30.22 7.56 -18.93
C ARG G 21 -30.48 6.89 -17.58
N SER G 22 -30.26 7.59 -16.47
CA SER G 22 -30.59 7.04 -15.17
C SER G 22 -32.07 6.73 -15.07
N SER G 23 -32.92 7.62 -15.61
CA SER G 23 -34.36 7.39 -15.58
C SER G 23 -34.73 6.17 -16.41
N ARG G 24 -34.14 6.02 -17.60
CA ARG G 24 -34.37 4.83 -18.42
C ARG G 24 -33.86 3.57 -17.71
N ALA G 25 -32.85 3.71 -16.87
CA ALA G 25 -32.28 2.53 -16.21
C ALA G 25 -32.91 2.25 -14.85
N GLY G 26 -33.70 3.17 -14.31
CA GLY G 26 -34.29 2.96 -13.01
C GLY G 26 -33.32 3.05 -11.86
N LEU G 27 -32.24 3.82 -12.02
CA LEU G 27 -31.20 3.97 -11.01
C LEU G 27 -31.21 5.40 -10.48
N GLN G 28 -30.51 5.59 -9.35
CA GLN G 28 -30.51 6.87 -8.67
C GLN G 28 -29.27 7.72 -8.93
N PHE G 29 -28.08 7.11 -9.04
CA PHE G 29 -26.90 7.91 -9.34
C PHE G 29 -26.91 8.37 -10.80
N PRO G 30 -26.37 9.56 -11.06
CA PRO G 30 -26.50 10.20 -12.38
C PRO G 30 -25.52 9.62 -13.40
N VAL G 31 -26.06 9.02 -14.46
CA VAL G 31 -25.23 8.47 -15.53
C VAL G 31 -24.40 9.58 -16.17
N GLY G 32 -25.03 10.72 -16.45
CA GLY G 32 -24.29 11.83 -17.05
C GLY G 32 -23.10 12.30 -16.23
N ARG G 33 -23.28 12.50 -14.92
CA ARG G 33 -22.17 12.96 -14.09
C ARG G 33 -21.04 11.95 -14.02
N VAL G 34 -21.35 10.67 -13.81
CA VAL G 34 -20.30 9.65 -13.78
C VAL G 34 -19.58 9.60 -15.13
N HIS G 35 -20.35 9.72 -16.23
CA HIS G 35 -19.75 9.72 -17.55
C HIS G 35 -18.79 10.89 -17.73
N ARG G 36 -19.21 12.09 -17.33
CA ARG G 36 -18.35 13.25 -17.47
C ARG G 36 -17.09 13.11 -16.62
N LEU G 37 -17.23 12.58 -15.39
CA LEU G 37 -16.08 12.41 -14.53
C LEU G 37 -15.10 11.38 -15.10
N LEU G 38 -15.62 10.34 -15.77
CA LEU G 38 -14.75 9.40 -16.45
C LEU G 38 -14.05 10.05 -17.64
N ARG G 39 -14.79 10.81 -18.44
CA ARG G 39 -14.23 11.47 -19.61
C ARG G 39 -13.15 12.48 -19.24
N LYS G 40 -13.30 13.19 -18.13
CA LYS G 40 -12.35 14.21 -17.71
C LYS G 40 -11.29 13.72 -16.72
N GLY G 41 -11.26 12.45 -16.38
CA GLY G 41 -10.27 11.99 -15.44
C GLY G 41 -8.93 11.58 -16.02
N ASN G 42 -8.73 11.78 -17.32
CA ASN G 42 -7.51 11.37 -18.03
C ASN G 42 -7.24 9.89 -17.82
N TYR G 43 -8.30 9.09 -18.01
CA TYR G 43 -8.23 7.64 -17.86
C TYR G 43 -8.12 6.90 -19.18
N SER G 44 -8.86 7.32 -20.20
CA SER G 44 -8.75 6.71 -21.52
C SER G 44 -9.31 7.68 -22.55
N GLU G 45 -8.91 7.47 -23.81
CA GLU G 45 -9.33 8.35 -24.88
C GLU G 45 -10.78 8.11 -25.30
N ARG G 46 -11.31 6.91 -25.11
CA ARG G 46 -12.73 6.63 -25.33
C ARG G 46 -13.31 5.89 -24.13
N VAL G 47 -14.60 6.08 -23.92
CA VAL G 47 -15.36 5.40 -22.87
C VAL G 47 -16.66 4.89 -23.48
N GLY G 48 -16.96 3.61 -23.24
CA GLY G 48 -18.18 3.03 -23.76
C GLY G 48 -19.42 3.54 -23.05
N ALA G 49 -20.57 3.34 -23.71
CA ALA G 49 -21.82 3.86 -23.17
C ALA G 49 -22.27 3.08 -21.94
N GLY G 50 -21.91 1.79 -21.86
CA GLY G 50 -22.34 0.99 -20.73
C GLY G 50 -21.47 1.11 -19.49
N ALA G 51 -20.22 1.55 -19.67
CA ALA G 51 -19.29 1.62 -18.54
C ALA G 51 -19.77 2.55 -17.44
N PRO G 52 -20.21 3.79 -17.73
CA PRO G 52 -20.68 4.64 -16.62
C PRO G 52 -21.98 4.15 -16.02
N VAL G 53 -22.80 3.44 -16.79
CA VAL G 53 -24.03 2.86 -16.23
C VAL G 53 -23.66 1.80 -15.21
N TYR G 54 -22.76 0.89 -15.59
CA TYR G 54 -22.30 -0.16 -14.68
C TYR G 54 -21.69 0.44 -13.42
N LEU G 55 -20.76 1.39 -13.59
CA LEU G 55 -20.11 2.02 -12.44
C LEU G 55 -21.12 2.73 -11.55
N ALA G 56 -22.04 3.49 -12.13
CA ALA G 56 -23.02 4.15 -11.29
C ALA G 56 -23.86 3.14 -10.52
N ALA G 57 -24.22 2.03 -11.19
CA ALA G 57 -25.05 1.00 -10.56
C ALA G 57 -24.33 0.35 -9.38
N VAL G 58 -23.03 0.09 -9.54
CA VAL G 58 -22.29 -0.52 -8.45
C VAL G 58 -22.28 0.47 -7.28
N LEU G 59 -22.09 1.77 -7.59
CA LEU G 59 -22.08 2.75 -6.51
C LEU G 59 -23.42 2.79 -5.75
N GLU G 60 -24.55 2.70 -6.48
CA GLU G 60 -25.86 2.66 -5.77
C GLU G 60 -25.88 1.45 -4.84
N TYR G 61 -25.54 0.30 -5.38
CA TYR G 61 -25.56 -0.92 -4.58
C TYR G 61 -24.73 -0.77 -3.32
N LEU G 62 -23.49 -0.29 -3.44
CA LEU G 62 -22.64 -0.19 -2.25
C LEU G 62 -23.19 0.82 -1.25
N THR G 63 -23.68 1.97 -1.76
CA THR G 63 -24.30 2.97 -0.89
C THR G 63 -25.51 2.39 -0.16
N ALA G 64 -26.33 1.61 -0.87
CA ALA G 64 -27.51 1.04 -0.24
C ALA G 64 -27.09 0.08 0.86
N GLU G 65 -26.04 -0.70 0.63
CA GLU G 65 -25.61 -1.65 1.64
C GLU G 65 -25.09 -0.93 2.88
N ILE G 66 -24.21 0.06 2.68
CA ILE G 66 -23.67 0.81 3.81
C ILE G 66 -24.78 1.56 4.57
N LEU G 67 -25.70 2.22 3.85
CA LEU G 67 -26.76 2.93 4.56
C LEU G 67 -27.71 1.98 5.26
N GLU G 68 -27.97 0.80 4.69
CA GLU G 68 -28.77 -0.22 5.35
C GLU G 68 -28.15 -0.58 6.70
N LEU G 69 -26.87 -0.97 6.69
CA LEU G 69 -26.23 -1.35 7.95
C LEU G 69 -26.15 -0.19 8.92
N ALA G 70 -25.82 1.02 8.44
CA ALA G 70 -25.70 2.15 9.35
C ALA G 70 -27.04 2.49 9.98
N GLY G 71 -28.12 2.40 9.19
CA GLY G 71 -29.46 2.57 9.75
C GLY G 71 -29.78 1.55 10.82
N ASN G 72 -29.47 0.28 10.54
CA ASN G 72 -29.64 -0.75 11.55
C ASN G 72 -28.91 -0.41 12.84
N ALA G 73 -27.64 -0.03 12.72
CA ALA G 73 -26.86 0.33 13.90
C ALA G 73 -27.47 1.52 14.63
N ALA G 74 -27.99 2.49 13.88
CA ALA G 74 -28.63 3.65 14.49
C ALA G 74 -29.87 3.24 15.28
N ARG G 75 -30.67 2.33 14.72
CA ARG G 75 -31.87 1.88 15.42
C ARG G 75 -31.51 1.09 16.67
N ASP G 76 -30.45 0.26 16.59
CA ASP G 76 -29.96 -0.43 17.77
C ASP G 76 -29.52 0.56 18.85
N ASN G 77 -29.07 1.75 18.44
CA ASN G 77 -28.65 2.79 19.36
C ASN G 77 -29.79 3.74 19.71
N LYS G 78 -31.01 3.44 19.28
CA LYS G 78 -32.19 4.27 19.51
C LYS G 78 -31.94 5.69 18.96
N LYS G 79 -31.25 5.74 17.82
CA LYS G 79 -31.02 6.98 17.10
C LYS G 79 -31.78 6.95 15.77
N THR G 80 -32.38 8.08 15.42
CA THR G 80 -33.09 8.22 14.16
C THR G 80 -32.22 8.83 13.07
N ARG G 81 -31.07 9.39 13.43
CA ARG G 81 -30.15 9.96 12.46
C ARG G 81 -28.83 9.21 12.52
N ILE G 82 -28.33 8.78 11.37
CA ILE G 82 -27.03 8.12 11.31
C ILE G 82 -25.92 9.12 11.59
N ILE G 83 -24.97 8.72 12.44
CA ILE G 83 -23.83 9.56 12.78
C ILE G 83 -22.56 8.83 12.35
N PRO G 84 -21.40 9.49 12.32
CA PRO G 84 -20.15 8.77 11.96
C PRO G 84 -19.90 7.53 12.78
N ARG G 85 -20.25 7.54 14.08
CA ARG G 85 -20.07 6.36 14.91
C ARG G 85 -20.80 5.16 14.32
N HIS G 86 -22.05 5.38 13.86
CA HIS G 86 -22.82 4.30 13.26
C HIS G 86 -22.19 3.82 11.95
N LEU G 87 -21.58 4.74 11.19
CA LEU G 87 -20.88 4.33 9.97
C LEU G 87 -19.69 3.45 10.30
N GLN G 88 -18.95 3.81 11.36
CA GLN G 88 -17.81 3.01 11.76
C GLN G 88 -18.27 1.63 12.23
N LEU G 89 -19.33 1.58 13.04
CA LEU G 89 -19.87 0.29 13.46
C LEU G 89 -20.28 -0.55 12.26
N ALA G 90 -20.99 0.04 11.30
CA ALA G 90 -21.41 -0.70 10.12
C ALA G 90 -20.22 -1.25 9.33
N ILE G 91 -19.19 -0.42 9.15
CA ILE G 91 -18.07 -0.88 8.29
C ILE G 91 -17.25 -1.95 9.02
N ARG G 92 -17.05 -1.79 10.34
CA ARG G 92 -16.19 -2.71 11.06
C ARG G 92 -16.89 -3.99 11.46
N ASN G 93 -18.22 -3.97 11.61
CA ASN G 93 -18.96 -5.17 12.00
C ASN G 93 -19.19 -6.10 10.81
N ASP G 94 -19.28 -5.55 9.60
CA ASP G 94 -19.45 -6.37 8.42
C ASP G 94 -18.09 -6.83 7.89
N GLU G 95 -17.93 -8.15 7.80
CA GLU G 95 -16.65 -8.76 7.45
C GLU G 95 -16.15 -8.30 6.08
N GLU G 96 -17.06 -8.22 5.09
CA GLU G 96 -16.64 -7.90 3.73
C GLU G 96 -16.39 -6.40 3.57
N LEU G 97 -17.22 -5.57 4.21
CA LEU G 97 -16.97 -4.14 4.18
C LEU G 97 -15.68 -3.78 4.89
N ASN G 98 -15.39 -4.40 6.03
CA ASN G 98 -14.13 -4.12 6.72
C ASN G 98 -12.94 -4.49 5.86
N LYS G 99 -13.04 -5.62 5.13
CA LYS G 99 -11.99 -5.99 4.19
C LYS G 99 -11.85 -4.96 3.09
N LEU G 100 -12.97 -4.56 2.48
CA LEU G 100 -12.95 -3.58 1.42
C LEU G 100 -12.34 -2.26 1.88
N LEU G 101 -12.61 -1.87 3.13
CA LEU G 101 -12.10 -0.64 3.72
C LEU G 101 -11.05 -0.92 4.78
N GLY G 102 -10.20 -1.93 4.53
CA GLY G 102 -9.21 -2.33 5.51
C GLY G 102 -8.20 -1.25 5.84
N ARG G 103 -7.85 -0.41 4.86
CA ARG G 103 -6.88 0.66 5.05
C ARG G 103 -7.53 2.04 5.03
N VAL G 104 -8.75 2.16 5.56
CA VAL G 104 -9.50 3.41 5.55
C VAL G 104 -9.81 3.81 6.98
N THR G 105 -9.55 5.08 7.31
CA THR G 105 -9.90 5.64 8.61
C THR G 105 -11.08 6.60 8.44
N ILE G 106 -12.16 6.32 9.15
CA ILE G 106 -13.34 7.19 9.17
C ILE G 106 -13.20 8.13 10.37
N ALA G 107 -13.25 9.44 10.11
CA ALA G 107 -13.12 10.42 11.17
C ALA G 107 -14.34 10.41 12.07
N GLN G 108 -14.12 10.65 13.37
CA GLN G 108 -15.16 10.59 14.40
C GLN G 108 -15.85 9.24 14.42
N GLY G 109 -15.14 8.19 13.99
CA GLY G 109 -15.72 6.86 13.98
C GLY G 109 -15.48 6.07 15.25
N GLY G 110 -14.38 6.37 15.95
CA GLY G 110 -14.01 5.57 17.10
C GLY G 110 -13.57 4.17 16.70
N VAL G 111 -13.66 3.26 17.67
CA VAL G 111 -13.29 1.87 17.49
C VAL G 111 -14.42 0.98 18.01
N LEU G 112 -14.34 -0.31 17.65
CA LEU G 112 -15.30 -1.27 18.15
C LEU G 112 -15.07 -1.52 19.63
N PRO G 113 -16.14 -1.65 20.43
CA PRO G 113 -15.96 -2.04 21.84
C PRO G 113 -15.47 -3.46 21.99
N ASN G 114 -14.18 -3.69 21.72
CA ASN G 114 -13.58 -5.02 21.79
C ASN G 114 -12.56 -5.09 22.92
N ILE G 115 -12.76 -6.07 23.81
CA ILE G 115 -11.86 -6.29 24.94
C ILE G 115 -11.31 -7.70 24.85
N GLN G 116 -9.98 -7.82 24.94
CA GLN G 116 -9.34 -9.13 24.94
C GLN G 116 -9.79 -9.94 26.15
N ALA G 117 -9.95 -11.26 25.97
CA ALA G 117 -10.48 -12.10 27.07
C ALA G 117 -9.48 -12.15 28.24
N VAL G 118 -8.19 -12.26 27.94
CA VAL G 118 -7.24 -12.46 29.04
C VAL G 118 -7.22 -11.25 29.97
N LEU G 119 -7.66 -10.10 29.49
CA LEU G 119 -7.65 -8.88 30.29
C LEU G 119 -8.85 -8.76 31.22
N LEU G 120 -9.86 -9.60 31.06
CA LEU G 120 -11.02 -9.54 31.92
C LEU G 120 -10.68 -10.10 33.30
N PRO G 121 -11.37 -9.65 34.34
CA PRO G 121 -11.07 -10.15 35.69
C PRO G 121 -11.42 -11.62 35.83
N LYS G 122 -10.88 -12.24 36.87
CA LYS G 122 -11.03 -13.67 37.09
C LYS G 122 -12.30 -13.99 37.86
N ARG H 35 -21.68 31.94 -5.34
CA ARG H 35 -22.24 31.22 -6.49
C ARG H 35 -21.19 30.34 -7.14
N SER H 36 -20.30 29.76 -6.32
CA SER H 36 -19.25 28.87 -6.81
C SER H 36 -19.79 27.45 -6.81
N ARG H 37 -20.17 26.97 -7.99
CA ARG H 37 -20.73 25.63 -8.12
C ARG H 37 -19.69 24.56 -7.76
N LYS H 38 -20.12 23.58 -6.98
CA LYS H 38 -19.27 22.48 -6.54
C LYS H 38 -19.81 21.16 -7.09
N GLU H 39 -19.25 20.06 -6.60
CA GLU H 39 -19.60 18.72 -7.07
C GLU H 39 -19.81 17.82 -5.85
N SER H 40 -21.04 17.34 -5.67
CA SER H 40 -21.37 16.38 -4.63
C SER H 40 -22.52 15.51 -5.08
N TYR H 41 -22.67 14.34 -4.45
CA TYR H 41 -23.73 13.40 -4.79
C TYR H 41 -24.89 13.48 -3.80
N SER H 42 -25.01 14.62 -3.12
CA SER H 42 -25.92 14.74 -1.98
C SER H 42 -27.35 14.34 -2.31
N ILE H 43 -27.89 14.83 -3.42
CA ILE H 43 -29.28 14.53 -3.74
C ILE H 43 -29.46 13.05 -4.07
N TYR H 44 -28.46 12.44 -4.69
CA TYR H 44 -28.58 11.03 -5.05
C TYR H 44 -28.41 10.13 -3.83
N VAL H 45 -27.47 10.47 -2.95
CA VAL H 45 -27.35 9.72 -1.70
C VAL H 45 -28.64 9.82 -0.91
N TYR H 46 -29.25 11.02 -0.89
CA TYR H 46 -30.49 11.15 -0.13
C TYR H 46 -31.61 10.32 -0.75
N LYS H 47 -31.70 10.29 -2.09
CA LYS H 47 -32.72 9.44 -2.70
C LYS H 47 -32.50 7.96 -2.39
N VAL H 48 -31.26 7.47 -2.50
CA VAL H 48 -31.02 6.06 -2.15
C VAL H 48 -31.37 5.80 -0.68
N LEU H 49 -30.95 6.68 0.23
CA LEU H 49 -31.31 6.52 1.64
C LEU H 49 -32.81 6.45 1.84
N LYS H 50 -33.56 7.34 1.18
CA LYS H 50 -35.03 7.30 1.27
C LYS H 50 -35.58 6.02 0.66
N GLN H 51 -34.91 5.47 -0.35
CA GLN H 51 -35.32 4.19 -0.90
C GLN H 51 -35.15 3.07 0.12
N VAL H 52 -34.01 3.05 0.83
CA VAL H 52 -33.71 1.96 1.73
C VAL H 52 -34.30 2.22 3.11
N HIS H 53 -34.27 3.48 3.55
CA HIS H 53 -34.80 3.87 4.86
C HIS H 53 -35.43 5.25 4.79
N PRO H 54 -36.72 5.35 4.45
CA PRO H 54 -37.33 6.67 4.33
C PRO H 54 -37.78 7.24 5.68
N ASP H 55 -36.94 7.07 6.69
CA ASP H 55 -37.20 7.62 8.01
C ASP H 55 -35.96 8.16 8.70
N THR H 56 -34.79 8.07 8.07
CA THR H 56 -33.52 8.41 8.69
C THR H 56 -32.89 9.60 7.98
N GLY H 57 -32.29 10.51 8.74
CA GLY H 57 -31.57 11.64 8.21
C GLY H 57 -30.06 11.40 8.22
N ILE H 58 -29.32 12.49 8.03
CA ILE H 58 -27.86 12.40 7.98
C ILE H 58 -27.26 13.76 8.31
N SER H 59 -26.22 13.76 9.13
CA SER H 59 -25.56 14.98 9.56
C SER H 59 -24.54 15.45 8.51
N SER H 60 -24.05 16.67 8.69
CA SER H 60 -23.05 17.22 7.77
C SER H 60 -21.75 16.42 7.79
N LYS H 61 -21.27 16.07 8.99
CA LYS H 61 -20.04 15.27 9.07
C LYS H 61 -20.26 13.92 8.40
N ALA H 62 -21.42 13.30 8.64
CA ALA H 62 -21.73 12.01 8.04
C ALA H 62 -21.85 12.13 6.52
N MET H 63 -22.45 13.23 6.04
CA MET H 63 -22.54 13.46 4.61
C MET H 63 -21.15 13.63 3.99
N GLY H 64 -20.27 14.34 4.70
CA GLY H 64 -18.90 14.46 4.24
C GLY H 64 -18.19 13.12 4.17
N ILE H 65 -18.45 12.24 5.15
CA ILE H 65 -17.85 10.92 5.14
C ILE H 65 -18.39 10.09 3.99
N MET H 66 -19.70 10.20 3.71
CA MET H 66 -20.25 9.47 2.57
C MET H 66 -19.69 9.97 1.25
N ASN H 67 -19.51 11.28 1.12
CA ASN H 67 -18.93 11.82 -0.11
C ASN H 67 -17.48 11.38 -0.28
N SER H 68 -16.68 11.48 0.78
CA SER H 68 -15.32 10.96 0.73
C SER H 68 -15.28 9.49 0.35
N PHE H 69 -16.15 8.67 0.95
CA PHE H 69 -16.21 7.25 0.64
C PHE H 69 -16.51 7.01 -0.84
N VAL H 70 -17.59 7.61 -1.34
CA VAL H 70 -17.98 7.39 -2.73
C VAL H 70 -16.89 7.86 -3.69
N ASN H 71 -16.32 9.05 -3.45
CA ASN H 71 -15.23 9.51 -4.32
C ASN H 71 -14.03 8.56 -4.28
N ASP H 72 -13.67 8.08 -3.09
CA ASP H 72 -12.55 7.15 -2.98
C ASP H 72 -12.81 5.88 -3.78
N ILE H 73 -13.99 5.29 -3.59
CA ILE H 73 -14.32 4.03 -4.34
C ILE H 73 -14.24 4.36 -5.83
N PHE H 74 -14.91 5.43 -6.26
CA PHE H 74 -14.88 5.81 -7.66
C PHE H 74 -13.46 5.85 -8.19
N GLU H 75 -12.57 6.59 -7.51
CA GLU H 75 -11.19 6.69 -7.97
C GLU H 75 -10.52 5.32 -8.05
N ARG H 76 -10.71 4.49 -7.02
CA ARG H 76 -10.11 3.15 -7.02
C ARG H 76 -10.58 2.32 -8.20
N ILE H 77 -11.90 2.27 -8.42
CA ILE H 77 -12.46 1.41 -9.47
C ILE H 77 -12.07 1.94 -10.84
N ALA H 78 -12.20 3.26 -11.05
CA ALA H 78 -11.85 3.85 -12.35
C ALA H 78 -10.37 3.65 -12.65
N GLY H 79 -9.51 3.79 -11.64
CA GLY H 79 -8.09 3.61 -11.85
C GLY H 79 -7.75 2.18 -12.21
N GLU H 80 -8.32 1.21 -11.48
CA GLU H 80 -8.06 -0.18 -11.81
C GLU H 80 -8.59 -0.52 -13.20
N ALA H 81 -9.77 0.00 -13.57
CA ALA H 81 -10.28 -0.26 -14.91
C ALA H 81 -9.38 0.34 -15.99
N SER H 82 -8.88 1.56 -15.74
CA SER H 82 -7.97 2.21 -16.67
C SER H 82 -6.70 1.39 -16.86
N ARG H 83 -6.11 0.93 -15.75
CA ARG H 83 -4.91 0.12 -15.84
C ARG H 83 -5.18 -1.19 -16.56
N LEU H 84 -6.31 -1.84 -16.23
CA LEU H 84 -6.72 -3.06 -16.92
C LEU H 84 -6.78 -2.83 -18.43
N ALA H 85 -7.43 -1.75 -18.86
CA ALA H 85 -7.53 -1.45 -20.28
C ALA H 85 -6.17 -1.19 -20.92
N HIS H 86 -5.31 -0.43 -20.25
CA HIS H 86 -3.99 -0.17 -20.81
C HIS H 86 -3.18 -1.46 -20.97
N TYR H 87 -3.15 -2.29 -19.92
CA TYR H 87 -2.40 -3.55 -19.95
C TYR H 87 -2.82 -4.43 -21.11
N ASN H 88 -4.09 -4.34 -21.52
CA ASN H 88 -4.62 -5.21 -22.56
C ASN H 88 -4.69 -4.51 -23.91
N LYS H 89 -3.98 -3.39 -24.07
CA LYS H 89 -3.97 -2.61 -25.31
C LYS H 89 -5.37 -2.19 -25.73
N ARG H 90 -6.18 -1.80 -24.77
CA ARG H 90 -7.52 -1.30 -25.04
C ARG H 90 -7.58 0.20 -24.76
N SER H 91 -8.13 0.94 -25.73
CA SER H 91 -8.20 2.39 -25.66
C SER H 91 -9.59 2.89 -25.24
N THR H 92 -10.55 1.98 -25.09
CA THR H 92 -11.91 2.36 -24.76
C THR H 92 -12.29 1.76 -23.41
N ILE H 93 -12.99 2.54 -22.60
CA ILE H 93 -13.54 2.05 -21.34
C ILE H 93 -14.90 1.42 -21.60
N THR H 94 -14.96 0.10 -21.47
CA THR H 94 -16.17 -0.68 -21.68
C THR H 94 -16.60 -1.36 -20.38
N SER H 95 -17.72 -2.08 -20.45
CA SER H 95 -18.30 -2.69 -19.26
C SER H 95 -17.54 -3.92 -18.79
N ARG H 96 -16.81 -4.62 -19.68
CA ARG H 96 -16.08 -5.80 -19.23
C ARG H 96 -14.92 -5.47 -18.29
N GLU H 97 -14.13 -4.43 -18.59
CA GLU H 97 -13.10 -4.01 -17.65
C GLU H 97 -13.70 -3.52 -16.33
N ILE H 98 -14.81 -2.77 -16.39
CA ILE H 98 -15.46 -2.35 -15.16
C ILE H 98 -15.86 -3.56 -14.33
N GLN H 99 -16.43 -4.57 -14.99
CA GLN H 99 -16.92 -5.76 -14.30
C GLN H 99 -15.75 -6.51 -13.66
N THR H 100 -14.66 -6.68 -14.42
CA THR H 100 -13.49 -7.39 -13.89
C THR H 100 -12.87 -6.63 -12.73
N ALA H 101 -12.75 -5.31 -12.86
CA ALA H 101 -12.24 -4.48 -11.76
C ALA H 101 -13.11 -4.61 -10.52
N VAL H 102 -14.43 -4.62 -10.68
CA VAL H 102 -15.33 -4.83 -9.54
C VAL H 102 -15.06 -6.19 -8.91
N ARG H 103 -14.85 -7.21 -9.73
CA ARG H 103 -14.59 -8.54 -9.18
C ARG H 103 -13.27 -8.57 -8.42
N LEU H 104 -12.26 -7.84 -8.90
CA LEU H 104 -10.99 -7.76 -8.21
C LEU H 104 -11.08 -6.99 -6.89
N LEU H 105 -11.84 -5.90 -6.86
CA LEU H 105 -11.83 -5.01 -5.70
C LEU H 105 -12.84 -5.40 -4.64
N LEU H 106 -13.98 -5.96 -5.03
CA LEU H 106 -15.05 -6.22 -4.07
C LEU H 106 -14.91 -7.63 -3.49
N PRO H 107 -15.29 -7.83 -2.23
CA PRO H 107 -15.21 -9.18 -1.65
C PRO H 107 -16.23 -10.10 -2.28
N GLY H 108 -16.26 -11.35 -1.80
CA GLY H 108 -17.04 -12.38 -2.46
C GLY H 108 -18.49 -12.01 -2.67
N GLU H 109 -19.28 -11.96 -1.59
CA GLU H 109 -20.70 -11.70 -1.75
C GLU H 109 -20.95 -10.32 -2.34
N LEU H 110 -20.12 -9.34 -1.97
CA LEU H 110 -20.27 -8.00 -2.53
C LEU H 110 -20.03 -8.02 -4.04
N ALA H 111 -19.00 -8.75 -4.49
CA ALA H 111 -18.73 -8.84 -5.92
C ALA H 111 -19.87 -9.52 -6.65
N LYS H 112 -20.36 -10.64 -6.11
CA LYS H 112 -21.44 -11.37 -6.78
C LYS H 112 -22.70 -10.52 -6.87
N HIS H 113 -23.09 -9.87 -5.77
CA HIS H 113 -24.30 -9.07 -5.81
C HIS H 113 -24.12 -7.85 -6.72
N ALA H 114 -22.96 -7.20 -6.67
CA ALA H 114 -22.71 -6.06 -7.55
C ALA H 114 -22.74 -6.46 -9.02
N VAL H 115 -22.09 -7.56 -9.38
CA VAL H 115 -22.13 -8.01 -10.77
C VAL H 115 -23.56 -8.31 -11.20
N SER H 116 -24.35 -8.99 -10.35
CA SER H 116 -25.73 -9.28 -10.72
C SER H 116 -26.55 -8.00 -10.94
N GLU H 117 -26.46 -7.03 -10.02
CA GLU H 117 -27.19 -5.79 -10.19
C GLU H 117 -26.71 -5.00 -11.41
N GLY H 118 -25.39 -4.93 -11.61
CA GLY H 118 -24.88 -4.20 -12.76
C GLY H 118 -25.33 -4.82 -14.06
N THR H 119 -25.26 -6.15 -14.16
CA THR H 119 -25.67 -6.80 -15.41
C THR H 119 -27.15 -6.61 -15.68
N LYS H 120 -28.01 -6.85 -14.69
CA LYS H 120 -29.43 -6.61 -14.90
C LYS H 120 -29.70 -5.17 -15.32
N ALA H 121 -29.08 -4.19 -14.64
CA ALA H 121 -29.32 -2.79 -14.97
C ALA H 121 -28.83 -2.44 -16.37
N VAL H 122 -27.65 -2.92 -16.76
CA VAL H 122 -27.13 -2.62 -18.10
C VAL H 122 -27.99 -3.27 -19.17
N THR H 123 -28.48 -4.49 -18.90
CA THR H 123 -29.33 -5.17 -19.88
C THR H 123 -30.66 -4.45 -20.04
N LYS H 124 -31.23 -3.98 -18.93
CA LYS H 124 -32.47 -3.24 -19.01
C LYS H 124 -32.27 -1.92 -19.75
N TYR H 125 -31.14 -1.24 -19.49
CA TYR H 125 -30.91 0.01 -20.22
C TYR H 125 -30.75 -0.28 -21.71
N THR H 126 -29.99 -1.32 -22.05
CA THR H 126 -29.68 -1.59 -23.45
C THR H 126 -30.97 -1.90 -24.20
N SER H 127 -31.88 -2.64 -23.58
CA SER H 127 -33.19 -2.89 -24.16
C SER H 127 -33.97 -1.59 -24.27
N ALA H 128 -33.90 -0.74 -23.24
CA ALA H 128 -34.63 0.52 -23.26
C ALA H 128 -33.99 1.54 -24.19
N LYS H 129 -32.71 1.37 -24.52
CA LYS H 129 -31.97 2.27 -25.41
C LYS H 129 -31.94 3.71 -24.88
#